data_5LBS
#
_entry.id   5LBS
#
_cell.length_a   60.799
_cell.length_b   121.353
_cell.length_c   257.855
_cell.angle_alpha   90.00
_cell.angle_beta   90.00
_cell.angle_gamma   90.00
#
_symmetry.space_group_name_H-M   'P 21 2 21'
#
loop_
_entity.id
_entity.type
_entity.pdbx_description
1 polymer 'envelope protein E'
2 polymer 'BROADLY NEUTRALIZING HUMAN ANTIBODY EDE1 C8'
3 polymer 'BROADLY NEUTRALIZING HUMAN ANTIBODY EDE1 C8'
4 non-polymer 1,2-ETHANEDIOL
5 non-polymer 'SULFATE ION'
6 water water
#
loop_
_entity_poly.entity_id
_entity_poly.type
_entity_poly.pdbx_seq_one_letter_code
_entity_poly.pdbx_strand_id
1 'polypeptide(L)'
;IRCIGVSNRDFVEGMSGGTWVDVVLEHGGCVTVMAQDKPTVDIELVTTTVSNMAEVRSYCYEASISDMASDSRCPTQGEA
YLDKQSDTQYVCKRTLVDRGWGNGCGLFGKGSLVTCAKFACSKKMTGKSIQPENLEYRIMLSVHGSQHSGMIVNDTGHET
DENRAKVEITPNSPRAEATLGGFGSLGLDCEPRTGLDFSDLYYLTMNNKHWLVHKEWFHDIPLPWHAGADTGTPHWNNKE
ALVEFKDAHAKRQTVVVLGSQEGAVHTALAGALEAEMDGAKGRLSSGHLKCRLKMDKLRLKGVSYSLCTAAFTFTKIPAE
TLHGTVTVEVQYAGTDGPCKVPAQMAVDMQTLTPVGRLITANPVITESTENSKMMLELDPPFGDSYIVIGVGEKKITHHW
HRSGSTIGGPFEDDDDKAGWSHPQFEKGGGSGGGSGGGSWSHPQFEK
;
A,B
2 'polypeptide(L)'
;EVQLVESGGGLVQPGGSLRLSCSASGFTFSTYSMHWVRQAPGKGLEYVSAITGEGDSAFYADSVKGRFTISRDNSKNTLY
FEMNSLRPEDTAVYYCVGGYSNFYYYYTMDVWGQGTTVTVSSGTGGSGGGGSGGGGSGGGA
;
H,I
3 'polypeptide(L)'
;SEIVLTQSPATLSLSPGERATLSCRASQSISTFLAWYQHKPGQAPRLLIYDASTRATGVPARFSGSRSGTDFTLTISTLE
PEDFAVYYCQQRYNWPPYTFGQGTKVEIKAAADDDDKAGWSHPQFEKGGGSGGGSGGGSWSHPQFEK
;
L,M
#
# COMPACT_ATOMS: atom_id res chain seq x y z
N ILE A 1 5.23 -29.23 4.53
CA ILE A 1 5.97 -28.48 5.55
C ILE A 1 5.18 -27.25 6.03
N ARG A 2 5.65 -26.58 7.11
CA ARG A 2 4.97 -25.40 7.69
C ARG A 2 5.31 -24.09 6.97
N CYS A 3 4.49 -23.04 7.22
CA CYS A 3 4.63 -21.66 6.77
C CYS A 3 4.53 -21.40 5.23
N ILE A 4 4.91 -22.37 4.36
CA ILE A 4 4.93 -22.17 2.89
C ILE A 4 3.65 -21.55 2.31
N GLY A 5 2.48 -22.03 2.74
CA GLY A 5 1.21 -21.53 2.23
C GLY A 5 0.65 -20.30 2.92
N VAL A 6 1.22 -19.91 4.09
CA VAL A 6 0.78 -18.79 4.93
C VAL A 6 1.02 -17.42 4.26
N SER A 7 -0.04 -16.59 4.14
CA SER A 7 0.05 -15.23 3.59
C SER A 7 0.77 -14.29 4.57
N ASN A 8 0.40 -14.34 5.87
CA ASN A 8 1.06 -13.52 6.88
C ASN A 8 2.31 -14.26 7.39
N ARG A 9 3.34 -14.28 6.55
CA ARG A 9 4.59 -14.96 6.85
C ARG A 9 5.77 -13.99 6.89
N ASP A 10 6.57 -14.08 7.96
CA ASP A 10 7.75 -13.25 8.18
C ASP A 10 9.02 -14.08 8.03
N PHE A 11 10.07 -13.48 7.48
CA PHE A 11 11.37 -14.13 7.30
C PHE A 11 12.39 -13.35 8.12
N VAL A 12 12.90 -13.97 9.21
CA VAL A 12 13.88 -13.29 10.04
C VAL A 12 15.25 -13.96 9.92
N GLU A 13 16.29 -13.13 9.71
CA GLU A 13 17.66 -13.61 9.57
C GLU A 13 18.50 -13.26 10.78
N GLY A 14 19.13 -14.28 11.36
CA GLY A 14 20.03 -14.14 12.50
C GLY A 14 21.46 -13.93 12.07
N MET A 15 22.18 -13.02 12.75
CA MET A 15 23.56 -12.72 12.38
C MET A 15 24.49 -13.92 12.59
N SER A 16 25.58 -14.00 11.80
CA SER A 16 26.56 -15.08 11.87
C SER A 16 27.29 -15.05 13.22
N GLY A 17 27.22 -16.18 13.93
CA GLY A 17 27.81 -16.33 15.25
C GLY A 17 26.94 -15.76 16.36
N GLY A 18 25.75 -15.30 15.97
CA GLY A 18 24.76 -14.73 16.87
C GLY A 18 24.12 -15.75 17.79
N THR A 19 23.60 -15.25 18.93
CA THR A 19 22.95 -16.10 19.93
C THR A 19 21.44 -15.86 19.98
N TRP A 20 21.02 -14.58 19.98
CA TRP A 20 19.60 -14.24 20.05
C TRP A 20 19.02 -13.69 18.75
N VAL A 21 17.73 -13.96 18.52
CA VAL A 21 16.94 -13.49 17.37
C VAL A 21 15.58 -12.99 17.90
N ASP A 22 15.26 -11.72 17.62
CA ASP A 22 13.99 -11.13 18.04
C ASP A 22 12.87 -11.48 17.08
N VAL A 23 11.74 -11.96 17.63
CA VAL A 23 10.59 -12.41 16.86
C VAL A 23 9.24 -11.88 17.46
N VAL A 24 8.30 -11.48 16.58
CA VAL A 24 6.96 -11.03 16.97
C VAL A 24 5.95 -12.05 16.42
N LEU A 25 5.23 -12.74 17.33
CA LEU A 25 4.29 -13.80 16.97
C LEU A 25 2.82 -13.34 16.92
N GLU A 26 2.22 -13.39 15.71
CA GLU A 26 0.83 -13.00 15.45
C GLU A 26 -0.06 -14.23 15.29
N HIS A 27 -1.38 -14.06 15.45
CA HIS A 27 -2.36 -15.13 15.26
C HIS A 27 -2.53 -15.37 13.78
N GLY A 28 -2.50 -16.64 13.39
CA GLY A 28 -2.59 -17.05 11.99
C GLY A 28 -1.40 -16.62 11.17
N GLY A 29 -0.26 -16.46 11.85
CA GLY A 29 0.99 -16.02 11.25
C GLY A 29 2.14 -16.96 11.52
N CYS A 30 3.13 -16.92 10.63
CA CYS A 30 4.31 -17.77 10.68
C CYS A 30 5.56 -16.94 10.64
N VAL A 31 6.60 -17.37 11.38
CA VAL A 31 7.91 -16.74 11.31
C VAL A 31 8.96 -17.80 10.94
N THR A 32 9.64 -17.62 9.80
CA THR A 32 10.70 -18.51 9.32
C THR A 32 12.04 -17.88 9.74
N VAL A 33 12.74 -18.50 10.70
CA VAL A 33 14.01 -17.99 11.20
C VAL A 33 15.20 -18.73 10.58
N MET A 34 16.07 -17.97 9.90
CA MET A 34 17.25 -18.47 9.21
C MET A 34 18.52 -17.94 9.86
N ALA A 35 19.58 -18.75 9.88
CA ALA A 35 20.87 -18.37 10.45
C ALA A 35 21.99 -19.18 9.82
N GLN A 36 23.17 -18.55 9.65
CA GLN A 36 24.37 -19.15 9.06
C GLN A 36 24.81 -20.38 9.85
N ASP A 37 24.98 -21.52 9.15
CA ASP A 37 25.38 -22.84 9.68
C ASP A 37 24.43 -23.36 10.78
N LYS A 38 23.17 -22.89 10.77
CA LYS A 38 22.11 -23.31 11.69
C LYS A 38 20.92 -23.82 10.87
N PRO A 39 20.12 -24.77 11.41
CA PRO A 39 18.92 -25.21 10.68
C PRO A 39 17.84 -24.14 10.66
N THR A 40 17.08 -24.06 9.56
CA THR A 40 15.99 -23.10 9.42
C THR A 40 14.82 -23.58 10.29
N VAL A 41 14.29 -22.68 11.14
CA VAL A 41 13.23 -23.03 12.08
C VAL A 41 11.94 -22.23 11.82
N ASP A 42 10.78 -22.88 11.99
CA ASP A 42 9.46 -22.27 11.86
C ASP A 42 8.87 -22.07 13.25
N ILE A 43 8.44 -20.84 13.55
CA ILE A 43 7.82 -20.52 14.83
C ILE A 43 6.42 -19.89 14.59
N GLU A 44 5.39 -20.54 15.15
CA GLU A 44 3.99 -20.16 14.98
C GLU A 44 3.25 -20.12 16.34
N LEU A 45 2.41 -19.07 16.55
CA LEU A 45 1.59 -18.96 17.76
C LEU A 45 0.25 -19.66 17.46
N VAL A 46 0.03 -20.82 18.08
CA VAL A 46 -1.18 -21.64 17.85
C VAL A 46 -2.39 -21.06 18.59
N THR A 47 -2.31 -20.93 19.94
CA THR A 47 -3.41 -20.41 20.76
C THR A 47 -2.96 -19.47 21.88
N THR A 48 -3.84 -18.52 22.23
CA THR A 48 -3.72 -17.56 23.33
C THR A 48 -4.99 -17.74 24.14
N THR A 49 -4.88 -18.24 25.37
CA THR A 49 -6.04 -18.49 26.20
C THR A 49 -5.97 -17.83 27.56
N VAL A 50 -7.08 -17.19 27.94
CA VAL A 50 -7.23 -16.59 29.26
C VAL A 50 -8.28 -17.39 30.03
N SER A 51 -7.84 -17.99 31.14
CA SER A 51 -8.64 -18.85 32.01
C SER A 51 -8.89 -18.23 33.39
N ASN A 52 -9.79 -18.86 34.20
CA ASN A 52 -10.14 -18.46 35.57
C ASN A 52 -10.42 -16.97 35.71
N MET A 53 -11.29 -16.44 34.85
CA MET A 53 -11.64 -15.01 34.90
C MET A 53 -12.77 -14.76 35.85
N ALA A 54 -12.63 -13.71 36.67
CA ALA A 54 -13.63 -13.33 37.66
C ALA A 54 -14.63 -12.34 37.04
N GLU A 55 -15.94 -12.58 37.26
CA GLU A 55 -17.00 -11.72 36.75
C GLU A 55 -16.99 -10.37 37.50
N VAL A 56 -17.01 -9.24 36.75
CA VAL A 56 -16.99 -7.89 37.33
C VAL A 56 -18.35 -7.20 37.25
N ARG A 57 -19.13 -7.44 36.16
CA ARG A 57 -20.45 -6.85 35.97
C ARG A 57 -21.26 -7.59 34.91
N SER A 58 -22.59 -7.67 35.14
CA SER A 58 -23.58 -8.27 34.22
C SER A 58 -24.55 -7.20 33.76
N TYR A 59 -24.86 -7.16 32.47
CA TYR A 59 -25.81 -6.19 31.92
C TYR A 59 -27.00 -6.90 31.30
N CYS A 60 -28.21 -6.43 31.63
CA CYS A 60 -29.45 -6.98 31.07
C CYS A 60 -29.68 -6.31 29.72
N TYR A 61 -29.80 -7.10 28.64
CA TYR A 61 -30.06 -6.53 27.32
C TYR A 61 -31.48 -6.84 26.81
N GLU A 62 -32.16 -7.82 27.45
CA GLU A 62 -33.55 -8.20 27.15
C GLU A 62 -34.28 -8.49 28.45
N ALA A 63 -35.36 -7.75 28.71
CA ALA A 63 -36.14 -7.89 29.94
C ALA A 63 -37.64 -8.12 29.72
N SER A 64 -38.37 -8.40 30.82
CA SER A 64 -39.80 -8.68 30.86
C SER A 64 -40.42 -8.18 32.17
N ILE A 65 -41.64 -7.60 32.11
CA ILE A 65 -42.32 -7.10 33.31
C ILE A 65 -43.63 -7.85 33.59
N SER A 66 -44.00 -7.92 34.88
CA SER A 66 -45.22 -8.57 35.37
C SER A 66 -45.64 -7.95 36.71
N ASP A 67 -46.74 -8.45 37.33
CA ASP A 67 -47.25 -7.99 38.62
C ASP A 67 -47.36 -6.48 38.73
N MET A 68 -48.00 -5.83 37.72
CA MET A 68 -48.16 -4.38 37.74
C MET A 68 -49.25 -3.93 38.70
N ALA A 69 -48.93 -2.91 39.50
CA ALA A 69 -49.83 -2.33 40.48
C ALA A 69 -49.68 -0.82 40.48
N SER A 70 -50.72 -0.12 40.95
CA SER A 70 -50.74 1.33 41.03
C SER A 70 -51.39 1.81 42.32
N ASP A 71 -51.07 3.04 42.72
CA ASP A 71 -51.66 3.69 43.88
C ASP A 71 -51.73 5.19 43.62
N SER A 72 -52.77 5.83 44.13
CA SER A 72 -52.96 7.27 43.97
C SER A 72 -53.61 7.87 45.21
N ARG A 73 -53.38 9.17 45.44
CA ARG A 73 -53.96 9.93 46.54
C ARG A 73 -54.72 11.11 45.94
N CYS A 74 -55.60 11.74 46.74
CA CYS A 74 -56.35 12.92 46.31
C CYS A 74 -55.45 14.18 46.37
N PRO A 75 -55.81 15.28 45.64
CA PRO A 75 -54.93 16.47 45.58
C PRO A 75 -54.12 16.90 46.82
N THR A 76 -54.73 16.96 48.02
CA THR A 76 -54.00 17.43 49.21
C THR A 76 -53.60 16.29 50.17
N GLN A 77 -53.94 15.04 49.83
CA GLN A 77 -53.74 13.89 50.70
C GLN A 77 -52.30 13.30 50.71
N GLY A 78 -51.35 14.00 50.09
CA GLY A 78 -49.95 13.58 50.08
C GLY A 78 -49.55 12.61 49.00
N GLU A 79 -48.39 11.95 49.20
CA GLU A 79 -47.77 11.01 48.25
C GLU A 79 -48.35 9.60 48.27
N ALA A 80 -48.45 8.99 47.08
CA ALA A 80 -48.97 7.63 46.91
C ALA A 80 -47.92 6.59 47.35
N TYR A 81 -48.37 5.50 48.01
CA TYR A 81 -47.48 4.46 48.50
C TYR A 81 -47.89 3.05 48.10
N LEU A 82 -46.88 2.22 47.74
CA LEU A 82 -46.98 0.80 47.40
C LEU A 82 -45.88 0.05 48.16
N ASP A 83 -46.16 -1.18 48.64
CA ASP A 83 -45.16 -2.00 49.35
C ASP A 83 -44.02 -2.38 48.39
N LYS A 84 -44.33 -2.45 47.09
CA LYS A 84 -43.40 -2.77 45.99
C LYS A 84 -42.29 -1.73 45.81
N GLN A 85 -42.46 -0.53 46.42
CA GLN A 85 -41.47 0.56 46.40
C GLN A 85 -40.18 0.14 47.13
N SER A 86 -40.32 -0.67 48.21
CA SER A 86 -39.20 -1.18 49.01
C SER A 86 -38.57 -2.46 48.43
N ASP A 87 -39.29 -3.15 47.51
CA ASP A 87 -38.82 -4.37 46.86
C ASP A 87 -37.84 -4.05 45.73
N THR A 88 -36.64 -4.65 45.79
CA THR A 88 -35.56 -4.45 44.81
C THR A 88 -35.87 -5.04 43.43
N GLN A 89 -36.78 -6.03 43.37
CA GLN A 89 -37.22 -6.69 42.13
C GLN A 89 -38.20 -5.83 41.34
N TYR A 90 -38.73 -4.78 41.96
CA TYR A 90 -39.74 -3.92 41.34
C TYR A 90 -39.21 -2.58 40.85
N VAL A 91 -39.55 -2.23 39.59
CA VAL A 91 -39.23 -0.93 38.99
C VAL A 91 -40.45 -0.02 39.16
N CYS A 92 -40.25 1.15 39.81
CA CYS A 92 -41.33 2.08 40.13
C CYS A 92 -41.08 3.52 39.68
N LYS A 93 -42.16 4.28 39.45
CA LYS A 93 -42.12 5.69 39.10
C LYS A 93 -43.31 6.45 39.66
N ARG A 94 -43.06 7.63 40.21
CA ARG A 94 -44.06 8.52 40.79
C ARG A 94 -44.35 9.67 39.82
N THR A 95 -45.63 10.01 39.64
CA THR A 95 -46.06 11.14 38.80
C THR A 95 -47.27 11.85 39.43
N LEU A 96 -47.94 12.72 38.65
CA LEU A 96 -49.12 13.46 39.06
C LEU A 96 -50.22 13.23 38.02
N VAL A 97 -51.42 12.93 38.51
CA VAL A 97 -52.56 12.63 37.66
C VAL A 97 -53.78 13.51 38.01
N ASP A 98 -54.66 13.79 37.03
CA ASP A 98 -55.88 14.59 37.25
C ASP A 98 -56.84 13.86 38.17
N ARG A 99 -57.21 14.48 39.29
CA ARG A 99 -58.15 13.94 40.26
C ARG A 99 -59.32 14.89 40.42
N GLY A 100 -60.46 14.36 40.85
CA GLY A 100 -61.65 15.16 41.05
C GLY A 100 -62.87 14.35 41.42
N TRP A 101 -64.04 15.02 41.44
CA TRP A 101 -65.35 14.42 41.75
C TRP A 101 -65.67 13.20 40.90
N GLY A 102 -65.31 13.24 39.61
CA GLY A 102 -65.58 12.20 38.66
C GLY A 102 -64.79 10.91 38.86
N ASN A 103 -63.76 10.92 39.74
CA ASN A 103 -62.95 9.71 39.95
C ASN A 103 -62.62 9.43 41.42
N GLY A 104 -63.49 9.88 42.33
CA GLY A 104 -63.39 9.55 43.75
C GLY A 104 -62.74 10.51 44.71
N CYS A 105 -62.55 11.78 44.30
CA CYS A 105 -61.96 12.79 45.20
C CYS A 105 -62.89 13.94 45.43
N GLY A 106 -62.82 14.52 46.62
CA GLY A 106 -63.63 15.67 47.00
C GLY A 106 -63.09 16.96 46.44
N LEU A 107 -61.81 16.97 46.06
CA LEU A 107 -61.14 18.14 45.49
C LEU A 107 -60.65 17.84 44.07
N PHE A 108 -60.53 18.90 43.26
CA PHE A 108 -60.01 18.81 41.89
C PHE A 108 -58.57 19.29 41.89
N GLY A 109 -57.79 18.71 41.01
CA GLY A 109 -56.39 19.04 40.89
C GLY A 109 -55.54 17.81 40.76
N LYS A 110 -54.22 18.01 40.68
CA LYS A 110 -53.28 16.91 40.53
C LYS A 110 -53.10 16.15 41.82
N GLY A 111 -53.16 14.84 41.73
CA GLY A 111 -52.95 13.92 42.83
C GLY A 111 -51.76 13.03 42.54
N SER A 112 -51.06 12.60 43.59
CA SER A 112 -49.89 11.73 43.49
C SER A 112 -50.29 10.36 42.94
N LEU A 113 -49.43 9.75 42.12
CA LEU A 113 -49.67 8.43 41.55
C LEU A 113 -48.36 7.67 41.40
N VAL A 114 -48.31 6.42 41.90
CA VAL A 114 -47.15 5.56 41.76
C VAL A 114 -47.54 4.31 40.99
N THR A 115 -46.63 3.82 40.11
CA THR A 115 -46.82 2.62 39.29
C THR A 115 -45.61 1.70 39.50
N CYS A 116 -45.87 0.41 39.76
CA CYS A 116 -44.82 -0.58 39.99
C CYS A 116 -44.95 -1.80 39.12
N ALA A 117 -43.82 -2.44 38.76
CA ALA A 117 -43.77 -3.65 37.94
C ALA A 117 -42.59 -4.51 38.34
N LYS A 118 -42.79 -5.84 38.39
CA LYS A 118 -41.73 -6.81 38.71
C LYS A 118 -40.85 -6.98 37.48
N PHE A 119 -39.57 -6.56 37.60
CA PHE A 119 -38.58 -6.65 36.53
C PHE A 119 -37.92 -8.03 36.50
N ALA A 120 -37.93 -8.66 35.33
CA ALA A 120 -37.29 -9.95 35.12
C ALA A 120 -36.33 -9.86 33.95
N CYS A 121 -35.10 -10.37 34.13
CA CYS A 121 -34.11 -10.36 33.05
C CYS A 121 -34.22 -11.69 32.29
N SER A 122 -34.40 -11.60 30.96
CA SER A 122 -34.54 -12.76 30.09
C SER A 122 -33.18 -13.19 29.56
N LYS A 123 -32.37 -12.21 29.14
CA LYS A 123 -31.04 -12.43 28.58
C LYS A 123 -30.05 -11.37 29.09
N LYS A 124 -28.83 -11.79 29.44
CA LYS A 124 -27.80 -10.89 29.96
C LYS A 124 -26.41 -11.12 29.37
N MET A 125 -25.59 -10.06 29.36
CA MET A 125 -24.20 -10.12 28.92
C MET A 125 -23.28 -9.96 30.13
N THR A 126 -22.18 -10.69 30.15
CA THR A 126 -21.25 -10.65 31.28
C THR A 126 -19.89 -10.10 30.88
N GLY A 127 -19.27 -9.38 31.80
CA GLY A 127 -17.94 -8.82 31.65
C GLY A 127 -17.01 -9.40 32.68
N LYS A 128 -15.89 -10.00 32.22
CA LYS A 128 -14.91 -10.65 33.11
C LYS A 128 -13.57 -9.95 33.08
N SER A 129 -12.87 -9.94 34.22
CA SER A 129 -11.56 -9.29 34.35
C SER A 129 -10.43 -10.18 33.85
N ILE A 130 -9.58 -9.66 32.96
CA ILE A 130 -8.44 -10.39 32.40
C ILE A 130 -7.24 -10.23 33.30
N GLN A 131 -6.86 -11.33 33.97
CA GLN A 131 -5.71 -11.35 34.85
C GLN A 131 -4.49 -11.68 34.00
N PRO A 132 -3.43 -10.82 34.00
CA PRO A 132 -2.25 -11.12 33.18
C PRO A 132 -1.54 -12.39 33.64
N GLU A 133 -1.74 -12.80 34.91
CA GLU A 133 -1.15 -13.99 35.52
C GLU A 133 -1.76 -15.31 35.03
N ASN A 134 -2.98 -15.26 34.44
CA ASN A 134 -3.65 -16.48 33.96
C ASN A 134 -3.71 -16.58 32.42
N LEU A 135 -2.66 -16.10 31.73
CA LEU A 135 -2.58 -16.16 30.27
C LEU A 135 -1.75 -17.35 29.83
N GLU A 136 -2.18 -18.04 28.77
CA GLU A 136 -1.47 -19.20 28.26
C GLU A 136 -1.29 -19.12 26.75
N TYR A 137 -0.01 -19.14 26.31
CA TYR A 137 0.36 -19.09 24.89
C TYR A 137 0.91 -20.44 24.50
N ARG A 138 0.35 -21.03 23.43
CA ARG A 138 0.82 -22.32 22.91
C ARG A 138 1.52 -22.08 21.58
N ILE A 139 2.85 -22.28 21.57
CA ILE A 139 3.74 -22.06 20.41
C ILE A 139 4.21 -23.37 19.80
N MET A 140 4.22 -23.43 18.47
CA MET A 140 4.70 -24.57 17.67
C MET A 140 6.08 -24.24 17.10
N LEU A 141 7.08 -25.10 17.34
CA LEU A 141 8.43 -24.90 16.82
C LEU A 141 8.81 -26.08 15.93
N SER A 142 9.13 -25.80 14.67
CA SER A 142 9.44 -26.86 13.71
C SER A 142 10.75 -26.63 12.97
N VAL A 143 11.41 -27.72 12.59
CA VAL A 143 12.60 -27.64 11.74
C VAL A 143 12.03 -27.52 10.31
N HIS A 144 12.35 -26.44 9.62
CA HIS A 144 11.79 -26.16 8.31
C HIS A 144 12.40 -27.04 7.20
N GLY A 145 11.64 -28.03 6.77
CA GLY A 145 12.01 -28.93 5.69
C GLY A 145 12.72 -30.22 6.05
N SER A 146 12.62 -30.67 7.31
CA SER A 146 13.22 -31.95 7.73
C SER A 146 12.38 -33.09 7.15
N GLN A 147 13.00 -34.22 6.84
CA GLN A 147 12.29 -35.36 6.27
C GLN A 147 11.34 -36.04 7.29
N HIS A 148 10.17 -36.56 6.81
CA HIS A 148 9.17 -37.22 7.65
C HIS A 148 9.65 -38.57 8.21
N ASP A 161 6.18 -36.06 16.38
CA ASP A 161 7.37 -36.07 15.53
C ASP A 161 8.59 -35.48 16.26
N GLU A 162 9.76 -36.10 16.04
CA GLU A 162 11.06 -35.77 16.62
C GLU A 162 11.50 -34.30 16.39
N ASN A 163 11.34 -33.78 15.14
CA ASN A 163 11.80 -32.44 14.71
C ASN A 163 10.82 -31.30 14.96
N ARG A 164 9.77 -31.54 15.77
CA ARG A 164 8.80 -30.52 16.13
C ARG A 164 8.45 -30.56 17.62
N ALA A 165 8.20 -29.39 18.17
CA ALA A 165 7.88 -29.25 19.55
C ALA A 165 6.76 -28.28 19.89
N LYS A 166 5.88 -28.74 20.75
CA LYS A 166 4.79 -27.93 21.23
C LYS A 166 5.18 -27.34 22.57
N VAL A 167 5.28 -26.04 22.67
CA VAL A 167 5.59 -25.45 23.95
C VAL A 167 4.48 -24.57 24.52
N GLU A 168 4.40 -24.54 25.84
CA GLU A 168 3.43 -23.72 26.54
C GLU A 168 4.09 -22.60 27.29
N ILE A 169 3.76 -21.36 27.00
CA ILE A 169 4.35 -20.22 27.64
C ILE A 169 3.33 -19.55 28.56
N THR A 170 3.71 -19.31 29.82
CA THR A 170 2.87 -18.63 30.80
C THR A 170 3.69 -17.69 31.67
N PRO A 171 3.07 -16.73 32.34
CA PRO A 171 3.85 -15.81 33.17
C PRO A 171 4.58 -16.57 34.24
N ASN A 172 4.01 -17.70 34.59
CA ASN A 172 4.62 -18.65 35.53
C ASN A 172 5.83 -19.31 34.87
N SER A 173 5.74 -19.64 33.56
CA SER A 173 6.82 -20.24 32.79
C SER A 173 7.08 -19.44 31.48
N PRO A 174 7.63 -18.19 31.55
CA PRO A 174 7.84 -17.42 30.31
C PRO A 174 9.10 -17.84 29.55
N ARG A 175 9.87 -18.76 30.15
CA ARG A 175 11.09 -19.33 29.56
C ARG A 175 10.83 -20.80 29.29
N ALA A 176 11.03 -21.21 28.04
CA ALA A 176 10.82 -22.59 27.62
C ALA A 176 11.98 -23.10 26.76
N GLU A 177 12.28 -24.40 26.87
CA GLU A 177 13.33 -25.08 26.10
C GLU A 177 12.71 -26.21 25.26
N ALA A 178 12.93 -26.16 23.93
CA ALA A 178 12.37 -27.13 23.00
C ALA A 178 13.46 -28.00 22.37
N THR A 179 13.34 -29.33 22.53
CA THR A 179 14.29 -30.29 21.94
C THR A 179 13.80 -30.68 20.55
N LEU A 180 14.67 -30.55 19.53
CA LEU A 180 14.32 -30.85 18.15
C LEU A 180 15.15 -32.00 17.57
N GLY A 181 15.31 -33.07 18.37
CA GLY A 181 16.03 -34.28 17.99
C GLY A 181 17.47 -34.08 17.62
N GLY A 182 17.78 -34.37 16.37
CA GLY A 182 19.13 -34.23 15.82
C GLY A 182 19.49 -32.81 15.42
N PHE A 183 18.57 -31.86 15.64
CA PHE A 183 18.77 -30.45 15.34
C PHE A 183 19.08 -29.64 16.62
N GLY A 184 19.35 -30.37 17.69
CA GLY A 184 19.71 -29.80 18.98
C GLY A 184 18.53 -29.34 19.81
N SER A 185 18.67 -28.15 20.36
CA SER A 185 17.69 -27.54 21.25
C SER A 185 17.51 -26.06 20.93
N LEU A 186 16.35 -25.51 21.30
CA LEU A 186 16.04 -24.11 21.08
C LEU A 186 15.40 -23.50 22.31
N GLY A 187 15.90 -22.34 22.71
CA GLY A 187 15.40 -21.60 23.86
C GLY A 187 14.48 -20.46 23.45
N LEU A 188 13.44 -20.23 24.26
CA LEU A 188 12.47 -19.16 24.02
C LEU A 188 12.27 -18.32 25.28
N ASP A 189 12.58 -17.01 25.20
CA ASP A 189 12.37 -16.07 26.31
C ASP A 189 11.38 -15.03 25.82
N CYS A 190 10.15 -15.10 26.34
CA CYS A 190 9.06 -14.23 25.89
C CYS A 190 8.54 -13.27 26.94
N GLU A 191 7.65 -12.36 26.51
CA GLU A 191 6.99 -11.40 27.38
C GLU A 191 5.44 -11.57 27.33
N PRO A 192 4.87 -12.58 28.04
CA PRO A 192 3.40 -12.75 28.06
C PRO A 192 2.69 -11.64 28.85
N PHE A 198 -4.06 -5.24 28.06
CA PHE A 198 -4.86 -6.03 28.99
C PHE A 198 -5.17 -5.28 30.29
N SER A 199 -4.35 -4.28 30.65
CA SER A 199 -4.50 -3.46 31.86
C SER A 199 -5.82 -2.66 31.86
N ASP A 200 -6.37 -2.41 30.65
CA ASP A 200 -7.62 -1.69 30.47
C ASP A 200 -8.60 -2.46 29.57
N LEU A 201 -8.68 -3.79 29.74
CA LEU A 201 -9.57 -4.63 28.94
C LEU A 201 -10.40 -5.61 29.76
N TYR A 202 -11.62 -5.89 29.28
CA TYR A 202 -12.56 -6.85 29.87
C TYR A 202 -12.93 -7.90 28.82
N TYR A 203 -13.35 -9.09 29.28
CA TYR A 203 -13.80 -10.19 28.44
C TYR A 203 -15.34 -10.22 28.43
N LEU A 204 -15.94 -9.70 27.34
CA LEU A 204 -17.40 -9.58 27.18
C LEU A 204 -18.01 -10.80 26.50
N THR A 205 -19.06 -11.37 27.11
CA THR A 205 -19.79 -12.53 26.58
C THR A 205 -21.26 -12.18 26.38
N MET A 206 -21.74 -12.27 25.13
CA MET A 206 -23.14 -12.02 24.82
C MET A 206 -23.69 -13.08 23.87
N ASN A 207 -24.44 -14.04 24.44
CA ASN A 207 -25.09 -15.13 23.71
C ASN A 207 -24.09 -15.86 22.79
N ASN A 208 -23.11 -16.56 23.43
CA ASN A 208 -22.05 -17.35 22.78
C ASN A 208 -21.05 -16.53 21.92
N LYS A 209 -21.17 -15.18 21.91
CA LYS A 209 -20.25 -14.31 21.18
C LYS A 209 -19.37 -13.56 22.19
N HIS A 210 -18.05 -13.57 21.95
CA HIS A 210 -17.10 -12.96 22.88
C HIS A 210 -16.34 -11.79 22.28
N TRP A 211 -15.97 -10.81 23.13
CA TRP A 211 -15.25 -9.59 22.76
C TRP A 211 -14.26 -9.15 23.85
N LEU A 212 -13.29 -8.28 23.45
CA LEU A 212 -12.33 -7.63 24.35
C LEU A 212 -12.62 -6.13 24.30
N VAL A 213 -13.23 -5.60 25.38
CA VAL A 213 -13.66 -4.21 25.41
C VAL A 213 -12.91 -3.40 26.44
N HIS A 214 -12.79 -2.08 26.19
CA HIS A 214 -12.09 -1.15 27.08
C HIS A 214 -12.94 -0.88 28.32
N LYS A 215 -12.30 -0.93 29.50
CA LYS A 215 -12.92 -0.74 30.82
C LYS A 215 -13.85 0.48 30.93
N GLU A 216 -13.46 1.62 30.32
CA GLU A 216 -14.21 2.88 30.36
C GLU A 216 -15.54 2.77 29.63
N TRP A 217 -15.53 2.23 28.40
CA TRP A 217 -16.71 2.05 27.56
C TRP A 217 -17.74 1.12 28.22
N PHE A 218 -17.28 -0.05 28.70
CA PHE A 218 -18.09 -1.08 29.36
C PHE A 218 -18.78 -0.54 30.63
N HIS A 219 -18.11 0.35 31.37
CA HIS A 219 -18.64 0.93 32.60
C HIS A 219 -19.79 1.92 32.35
N ASP A 220 -19.82 2.56 31.16
CA ASP A 220 -20.82 3.59 30.82
C ASP A 220 -22.05 3.07 30.03
N ILE A 221 -22.21 1.72 29.92
CA ILE A 221 -23.32 1.09 29.18
C ILE A 221 -24.70 1.47 29.78
N PRO A 222 -25.62 2.06 28.98
CA PRO A 222 -26.92 2.46 29.53
C PRO A 222 -27.95 1.33 29.55
N LEU A 223 -27.69 0.29 30.37
CA LEU A 223 -28.53 -0.89 30.53
C LEU A 223 -28.61 -1.30 32.00
N PRO A 224 -29.69 -2.02 32.44
CA PRO A 224 -29.73 -2.47 33.84
C PRO A 224 -28.51 -3.35 34.16
N TRP A 225 -27.83 -3.05 35.27
CA TRP A 225 -26.61 -3.73 35.63
C TRP A 225 -26.62 -4.39 37.01
N HIS A 226 -25.66 -5.30 37.22
CA HIS A 226 -25.45 -6.02 38.46
C HIS A 226 -23.95 -6.28 38.59
N ALA A 227 -23.29 -5.63 39.57
CA ALA A 227 -21.84 -5.73 39.77
C ALA A 227 -21.39 -6.98 40.53
N GLY A 228 -20.29 -7.56 40.06
CA GLY A 228 -19.63 -8.72 40.66
C GLY A 228 -20.23 -10.07 40.34
N ALA A 229 -20.01 -11.04 41.26
CA ALA A 229 -20.51 -12.42 41.19
C ALA A 229 -22.05 -12.50 41.29
N ASP A 230 -22.64 -13.63 40.81
CA ASP A 230 -24.07 -14.00 40.75
C ASP A 230 -24.69 -13.69 39.39
CA THR A 233 -32.30 -14.06 43.63
C THR A 233 -31.44 -12.86 43.23
N PRO A 234 -31.27 -12.56 41.91
CA PRO A 234 -30.45 -11.40 41.51
C PRO A 234 -31.15 -10.06 41.67
N HIS A 235 -30.35 -8.97 41.78
CA HIS A 235 -30.81 -7.59 41.98
C HIS A 235 -30.22 -6.67 40.91
N TRP A 236 -31.09 -6.10 40.08
CA TRP A 236 -30.70 -5.20 38.98
C TRP A 236 -30.77 -3.72 39.35
N ASN A 237 -29.76 -2.95 38.92
CA ASN A 237 -29.69 -1.50 39.11
C ASN A 237 -29.98 -0.85 37.77
N ASN A 238 -30.55 0.36 37.76
CA ASN A 238 -30.92 1.11 36.56
C ASN A 238 -31.86 0.30 35.65
N LYS A 239 -32.91 -0.31 36.27
CA LYS A 239 -33.93 -1.11 35.59
C LYS A 239 -34.75 -0.23 34.63
N GLU A 240 -34.73 1.09 34.90
CA GLU A 240 -35.42 2.14 34.14
C GLU A 240 -34.90 2.24 32.68
N ALA A 241 -33.71 1.68 32.41
CA ALA A 241 -33.07 1.68 31.09
C ALA A 241 -33.79 0.80 30.06
N LEU A 242 -34.50 -0.25 30.51
CA LEU A 242 -35.25 -1.17 29.66
C LEU A 242 -36.77 -1.08 29.89
N VAL A 243 -37.19 -0.15 30.76
CA VAL A 243 -38.60 0.04 31.11
C VAL A 243 -39.05 1.47 30.78
N GLU A 244 -40.10 1.59 29.95
CA GLU A 244 -40.66 2.87 29.51
C GLU A 244 -41.95 3.23 30.27
N PHE A 245 -41.91 4.32 31.08
CA PHE A 245 -43.06 4.82 31.82
C PHE A 245 -43.64 6.02 31.07
N LYS A 246 -44.83 5.85 30.48
CA LYS A 246 -45.47 6.91 29.69
C LYS A 246 -46.65 7.54 30.40
N ASP A 247 -46.78 8.86 30.26
CA ASP A 247 -47.88 9.63 30.83
C ASP A 247 -48.87 9.99 29.73
N ALA A 248 -50.06 9.34 29.75
CA ALA A 248 -51.09 9.53 28.74
C ALA A 248 -52.08 10.63 29.11
N HIS A 249 -51.78 11.88 28.65
CA HIS A 249 -52.59 13.10 28.82
C HIS A 249 -52.95 13.41 30.30
N ALA A 250 -52.01 13.15 31.25
CA ALA A 250 -52.18 13.34 32.71
C ALA A 250 -53.46 12.64 33.26
N LYS A 251 -53.84 11.51 32.65
CA LYS A 251 -55.03 10.73 32.96
C LYS A 251 -54.69 9.36 33.53
N ARG A 252 -53.51 8.80 33.13
CA ARG A 252 -53.02 7.48 33.54
C ARG A 252 -51.54 7.33 33.22
N GLN A 253 -50.84 6.47 33.97
CA GLN A 253 -49.43 6.16 33.73
C GLN A 253 -49.32 4.72 33.25
N THR A 254 -48.68 4.53 32.08
CA THR A 254 -48.47 3.20 31.48
C THR A 254 -47.03 2.73 31.69
N VAL A 255 -46.82 1.41 31.61
CA VAL A 255 -45.51 0.79 31.75
C VAL A 255 -45.33 -0.28 30.66
N VAL A 256 -44.29 -0.13 29.84
CA VAL A 256 -44.00 -1.08 28.77
C VAL A 256 -42.48 -1.36 28.71
N VAL A 257 -42.12 -2.64 28.54
CA VAL A 257 -40.72 -3.05 28.44
C VAL A 257 -40.19 -2.73 27.02
N LEU A 258 -38.96 -2.19 26.93
CA LEU A 258 -38.32 -1.75 25.68
C LEU A 258 -37.96 -2.86 24.68
N GLY A 259 -37.60 -4.05 25.15
CA GLY A 259 -37.23 -5.15 24.26
C GLY A 259 -35.73 -5.31 24.03
N SER A 260 -35.34 -6.42 23.37
CA SER A 260 -33.94 -6.82 23.11
C SER A 260 -33.03 -5.72 22.56
N GLN A 261 -31.90 -5.51 23.24
CA GLN A 261 -30.88 -4.51 22.89
C GLN A 261 -29.62 -5.11 22.30
N GLU A 262 -29.55 -6.47 22.13
CA GLU A 262 -28.32 -7.12 21.61
C GLU A 262 -27.82 -6.57 20.29
N GLY A 263 -28.74 -6.21 19.40
CA GLY A 263 -28.41 -5.61 18.11
C GLY A 263 -27.78 -4.25 18.23
N ALA A 264 -28.31 -3.42 19.16
CA ALA A 264 -27.81 -2.08 19.46
C ALA A 264 -26.44 -2.16 20.13
N VAL A 265 -26.25 -3.18 21.00
CA VAL A 265 -24.97 -3.42 21.68
C VAL A 265 -23.94 -3.87 20.62
N HIS A 266 -24.34 -4.77 19.71
CA HIS A 266 -23.52 -5.28 18.59
C HIS A 266 -22.99 -4.13 17.74
N THR A 267 -23.87 -3.20 17.33
CA THR A 267 -23.50 -2.02 16.52
C THR A 267 -22.61 -1.08 17.31
N ALA A 268 -22.84 -0.96 18.64
CA ALA A 268 -22.01 -0.14 19.54
C ALA A 268 -20.62 -0.77 19.70
N LEU A 269 -20.51 -2.07 19.39
CA LEU A 269 -19.25 -2.83 19.40
C LEU A 269 -18.63 -2.82 17.99
N ALA A 270 -18.66 -1.66 17.32
CA ALA A 270 -18.10 -1.49 15.97
C ALA A 270 -16.57 -1.36 16.06
N GLY A 271 -15.87 -2.33 15.48
CA GLY A 271 -14.41 -2.37 15.47
C GLY A 271 -13.76 -3.04 16.66
N ALA A 272 -14.57 -3.49 17.65
CA ALA A 272 -14.06 -4.17 18.85
C ALA A 272 -13.54 -5.57 18.53
N LEU A 273 -12.50 -6.00 19.27
CA LEU A 273 -11.84 -7.29 19.10
C LEU A 273 -12.75 -8.45 19.53
N GLU A 274 -12.83 -9.52 18.70
CA GLU A 274 -13.63 -10.73 18.99
C GLU A 274 -12.80 -11.80 19.74
N ALA A 275 -13.45 -12.90 20.17
CA ALA A 275 -12.84 -14.02 20.92
C ALA A 275 -13.68 -15.32 20.82
N GLU A 276 -13.13 -16.45 21.33
CA GLU A 276 -13.76 -17.79 21.29
C GLU A 276 -13.83 -18.42 22.72
N MET A 277 -14.39 -19.64 22.83
CA MET A 277 -14.55 -20.33 24.11
C MET A 277 -14.02 -21.77 24.10
N ASP A 278 -13.71 -22.32 25.30
CA ASP A 278 -13.23 -23.69 25.53
C ASP A 278 -13.83 -24.27 26.83
N GLY A 279 -14.98 -23.72 27.24
CA GLY A 279 -15.69 -24.13 28.46
C GLY A 279 -15.31 -23.30 29.67
N ALA A 280 -14.00 -23.32 30.02
CA ALA A 280 -13.42 -22.58 31.15
C ALA A 280 -12.36 -21.58 30.68
N LYS A 281 -11.80 -21.80 29.47
CA LYS A 281 -10.78 -20.94 28.84
C LYS A 281 -11.35 -20.13 27.67
N GLY A 282 -10.86 -18.91 27.52
CA GLY A 282 -11.28 -18.01 26.44
C GLY A 282 -10.18 -17.77 25.44
N ARG A 283 -10.37 -18.28 24.19
CA ARG A 283 -9.41 -18.14 23.10
C ARG A 283 -9.40 -16.73 22.52
N LEU A 284 -8.21 -16.13 22.40
CA LEU A 284 -8.04 -14.78 21.84
C LEU A 284 -7.63 -14.89 20.37
N SER A 285 -8.40 -14.22 19.48
CA SER A 285 -8.16 -14.26 18.04
C SER A 285 -7.20 -13.15 17.55
N SER A 286 -6.79 -12.24 18.46
CA SER A 286 -5.88 -11.15 18.13
C SER A 286 -4.77 -10.93 19.19
N GLY A 287 -3.81 -10.06 18.86
CA GLY A 287 -2.66 -9.78 19.71
C GLY A 287 -1.37 -10.33 19.13
N HIS A 288 -0.23 -9.89 19.70
CA HIS A 288 1.11 -10.30 19.28
C HIS A 288 2.01 -10.62 20.48
N LEU A 289 2.91 -11.60 20.32
CA LEU A 289 3.84 -12.00 21.39
C LEU A 289 5.30 -11.79 20.99
N LYS A 290 5.99 -10.88 21.69
CA LYS A 290 7.41 -10.57 21.47
C LYS A 290 8.27 -11.61 22.18
N CYS A 291 9.22 -12.23 21.43
CA CYS A 291 10.08 -13.29 21.95
C CYS A 291 11.54 -13.13 21.54
N ARG A 292 12.42 -13.87 22.24
CA ARG A 292 13.86 -13.98 22.01
C ARG A 292 14.17 -15.46 21.80
N LEU A 293 14.85 -15.80 20.69
CA LEU A 293 15.21 -17.18 20.37
C LEU A 293 16.69 -17.45 20.63
N LYS A 294 16.98 -18.49 21.45
CA LYS A 294 18.36 -18.88 21.79
C LYS A 294 18.88 -19.90 20.77
N MET A 295 19.49 -19.38 19.69
CA MET A 295 20.06 -20.15 18.58
C MET A 295 21.28 -21.01 18.97
N ASP A 296 21.99 -20.61 20.05
CA ASP A 296 23.20 -21.22 20.60
C ASP A 296 23.25 -22.77 20.55
N LYS A 297 22.18 -23.45 21.02
CA LYS A 297 22.11 -24.91 21.09
C LYS A 297 21.59 -25.60 19.80
N LEU A 298 21.18 -24.82 18.76
CA LEU A 298 20.73 -25.38 17.48
C LEU A 298 21.95 -25.93 16.72
N ARG A 299 21.80 -27.11 16.12
CA ARG A 299 22.89 -27.71 15.33
C ARG A 299 22.40 -28.26 13.99
N LEU A 300 23.27 -28.28 12.97
CA LEU A 300 22.94 -28.82 11.66
C LEU A 300 23.04 -30.34 11.68
N LYS A 301 22.09 -31.01 11.02
CA LYS A 301 22.06 -32.46 10.96
C LYS A 301 22.75 -32.93 9.68
N GLY A 302 23.66 -33.88 9.83
CA GLY A 302 24.33 -34.51 8.70
C GLY A 302 25.61 -33.90 8.18
N VAL A 303 26.34 -33.14 9.02
CA VAL A 303 27.62 -32.55 8.62
C VAL A 303 28.66 -33.66 8.30
N SER A 304 28.52 -34.84 8.96
CA SER A 304 29.38 -36.02 8.81
C SER A 304 28.86 -37.03 7.77
N TYR A 305 27.69 -36.76 7.15
CA TYR A 305 27.09 -37.65 6.14
C TYR A 305 27.81 -37.54 4.80
N SER A 306 27.59 -38.54 3.94
CA SER A 306 28.10 -38.56 2.57
C SER A 306 27.04 -37.89 1.68
N LEU A 307 27.38 -37.59 0.42
CA LEU A 307 26.46 -36.93 -0.51
C LEU A 307 25.52 -37.96 -1.17
N CYS A 308 24.24 -37.58 -1.39
CA CYS A 308 23.25 -38.44 -2.04
C CYS A 308 23.66 -38.65 -3.51
N THR A 309 24.16 -39.88 -3.79
CA THR A 309 24.72 -40.31 -5.08
C THR A 309 23.69 -40.69 -6.15
N ALA A 310 22.54 -41.27 -5.73
CA ALA A 310 21.48 -41.69 -6.65
C ALA A 310 20.70 -40.52 -7.23
N ALA A 311 19.76 -40.81 -8.14
CA ALA A 311 18.97 -39.81 -8.83
C ALA A 311 17.78 -39.28 -8.04
N PHE A 312 17.48 -37.99 -8.29
CA PHE A 312 16.31 -37.29 -7.76
C PHE A 312 15.34 -37.08 -8.92
N THR A 313 14.03 -37.06 -8.62
CA THR A 313 12.99 -36.80 -9.63
C THR A 313 11.95 -35.87 -9.03
N PHE A 314 11.44 -34.91 -9.81
CA PHE A 314 10.37 -34.03 -9.36
C PHE A 314 9.07 -34.84 -9.36
N THR A 315 8.35 -34.83 -8.23
CA THR A 315 7.07 -35.53 -8.09
C THR A 315 5.94 -34.68 -8.68
N LYS A 316 6.19 -33.39 -8.92
CA LYS A 316 5.26 -32.39 -9.46
C LYS A 316 6.07 -31.16 -9.88
N ILE A 317 5.46 -30.27 -10.69
CA ILE A 317 6.17 -29.07 -11.14
C ILE A 317 6.40 -28.08 -9.98
N PRO A 318 7.62 -27.48 -9.88
CA PRO A 318 7.87 -26.50 -8.80
C PRO A 318 6.83 -25.38 -8.80
N ALA A 319 6.44 -24.93 -7.59
CA ALA A 319 5.44 -23.87 -7.46
C ALA A 319 5.95 -22.69 -6.67
N GLU A 320 5.56 -21.47 -7.09
CA GLU A 320 5.92 -20.24 -6.42
C GLU A 320 4.95 -20.00 -5.28
N THR A 321 5.47 -19.59 -4.11
CA THR A 321 4.64 -19.27 -2.94
C THR A 321 4.14 -17.81 -3.04
N LEU A 322 3.48 -17.31 -1.99
CA LEU A 322 2.98 -15.94 -1.96
C LEU A 322 4.11 -14.94 -1.70
N HIS A 323 5.29 -15.44 -1.28
CA HIS A 323 6.42 -14.61 -0.94
C HIS A 323 7.59 -14.67 -1.93
N GLY A 324 7.34 -15.19 -3.13
CA GLY A 324 8.34 -15.23 -4.20
C GLY A 324 9.29 -16.40 -4.18
N THR A 325 9.29 -17.19 -3.08
CA THR A 325 10.12 -18.39 -2.96
C THR A 325 9.53 -19.50 -3.82
N VAL A 326 10.27 -20.60 -3.99
CA VAL A 326 9.86 -21.75 -4.79
C VAL A 326 9.87 -23.01 -3.95
N THR A 327 8.77 -23.74 -3.98
CA THR A 327 8.69 -25.01 -3.29
C THR A 327 8.85 -26.14 -4.31
N VAL A 328 9.65 -27.13 -3.96
CA VAL A 328 10.00 -28.24 -4.83
C VAL A 328 9.83 -29.56 -4.06
N GLU A 329 9.09 -30.51 -4.64
CA GLU A 329 8.97 -31.85 -4.05
C GLU A 329 9.72 -32.87 -4.89
N VAL A 330 10.68 -33.55 -4.25
CA VAL A 330 11.53 -34.53 -4.92
C VAL A 330 11.41 -35.91 -4.29
N GLN A 331 11.62 -36.93 -5.11
CA GLN A 331 11.66 -38.34 -4.73
C GLN A 331 13.12 -38.79 -4.97
N TYR A 332 13.72 -39.50 -4.00
CA TYR A 332 15.11 -39.97 -4.09
C TYR A 332 15.16 -41.49 -4.19
N ALA A 333 15.68 -41.96 -5.31
CA ALA A 333 15.79 -43.37 -5.66
C ALA A 333 16.78 -44.17 -4.87
N GLY A 334 17.63 -43.52 -4.13
CA GLY A 334 18.62 -44.18 -3.36
C GLY A 334 18.32 -44.83 -2.05
N THR A 335 19.07 -45.86 -1.80
CA THR A 335 18.95 -46.56 -0.55
C THR A 335 20.11 -46.29 0.36
N ASP A 336 20.91 -45.29 0.05
CA ASP A 336 22.11 -45.00 0.79
C ASP A 336 22.05 -44.22 2.07
N GLY A 337 21.20 -44.69 2.96
CA GLY A 337 21.04 -44.20 4.32
C GLY A 337 20.85 -42.75 4.44
N PRO A 338 21.38 -42.17 5.48
CA PRO A 338 21.27 -40.74 5.66
C PRO A 338 22.34 -40.02 4.86
N CYS A 339 21.94 -39.26 3.87
CA CYS A 339 22.90 -38.54 3.04
C CYS A 339 22.59 -37.03 2.88
N LYS A 340 23.53 -36.24 2.33
CA LYS A 340 23.39 -34.81 2.09
C LYS A 340 22.72 -34.60 0.73
N VAL A 341 21.64 -33.83 0.68
CA VAL A 341 20.92 -33.55 -0.57
C VAL A 341 21.64 -32.44 -1.37
N PRO A 342 22.16 -32.73 -2.60
CA PRO A 342 22.73 -31.66 -3.42
C PRO A 342 21.59 -30.84 -4.05
N ALA A 343 21.46 -29.58 -3.62
CA ALA A 343 20.41 -28.69 -4.08
C ALA A 343 20.91 -27.29 -4.09
N GLN A 344 20.63 -26.56 -5.17
CA GLN A 344 21.04 -25.16 -5.36
C GLN A 344 20.31 -24.55 -6.54
N MET A 345 20.69 -23.31 -6.88
CA MET A 345 20.26 -22.60 -8.08
C MET A 345 21.47 -22.06 -8.78
N ALA A 346 21.43 -22.06 -10.11
CA ALA A 346 22.54 -21.58 -10.92
C ALA A 346 22.00 -20.81 -12.10
N VAL A 347 22.72 -19.76 -12.50
CA VAL A 347 22.34 -18.96 -13.66
C VAL A 347 22.93 -19.58 -14.96
N ASP A 348 24.15 -20.17 -14.88
CA ASP A 348 24.79 -20.86 -16.01
C ASP A 348 25.09 -22.32 -15.66
N MET A 349 24.70 -23.24 -16.54
CA MET A 349 24.82 -24.69 -16.33
C MET A 349 26.23 -25.24 -16.44
N GLN A 350 27.15 -24.46 -17.03
CA GLN A 350 28.55 -24.90 -17.19
C GLN A 350 29.32 -24.93 -15.86
N THR A 351 29.50 -23.75 -15.21
CA THR A 351 30.26 -23.66 -13.95
C THR A 351 29.41 -23.99 -12.71
N LEU A 352 28.06 -23.91 -12.83
CA LEU A 352 27.09 -24.19 -11.77
C LEU A 352 27.38 -23.43 -10.45
N THR A 353 27.74 -22.13 -10.57
CA THR A 353 28.00 -21.25 -9.43
C THR A 353 26.69 -20.95 -8.71
N PRO A 354 26.62 -21.22 -7.38
CA PRO A 354 25.36 -21.00 -6.65
C PRO A 354 24.86 -19.56 -6.63
N VAL A 355 23.58 -19.38 -7.00
CA VAL A 355 22.84 -18.12 -6.98
C VAL A 355 21.66 -18.27 -6.03
N GLY A 356 21.23 -17.16 -5.42
CA GLY A 356 20.14 -17.19 -4.45
C GLY A 356 20.51 -17.95 -3.19
N ARG A 357 19.51 -18.51 -2.50
CA ARG A 357 19.75 -19.29 -1.29
C ARG A 357 18.65 -20.34 -1.04
N LEU A 358 18.91 -21.27 -0.12
CA LEU A 358 17.96 -22.29 0.29
C LEU A 358 17.31 -21.88 1.62
N ILE A 359 15.94 -21.85 1.68
CA ILE A 359 15.24 -21.60 2.94
C ILE A 359 15.29 -22.92 3.73
N THR A 360 15.08 -24.07 3.04
CA THR A 360 15.23 -25.40 3.64
CA THR A 360 15.25 -25.40 3.65
C THR A 360 16.75 -25.68 3.63
N ALA A 361 17.50 -24.93 4.49
CA ALA A 361 18.95 -24.96 4.59
C ALA A 361 19.52 -26.32 4.93
N ASN A 362 20.64 -26.66 4.28
CA ASN A 362 21.41 -27.90 4.41
C ASN A 362 20.49 -29.13 4.45
N PRO A 363 19.74 -29.41 3.35
CA PRO A 363 18.82 -30.55 3.35
C PRO A 363 19.50 -31.92 3.41
N VAL A 364 18.92 -32.83 4.23
CA VAL A 364 19.45 -34.18 4.38
C VAL A 364 18.37 -35.23 4.28
N ILE A 365 18.68 -36.34 3.60
CA ILE A 365 17.76 -37.47 3.53
C ILE A 365 18.09 -38.35 4.72
N THR A 366 17.07 -38.76 5.48
CA THR A 366 17.23 -39.58 6.69
C THR A 366 16.87 -41.03 6.44
N GLU A 367 15.90 -41.27 5.55
CA GLU A 367 15.41 -42.60 5.18
C GLU A 367 16.48 -43.41 4.45
N SER A 368 16.68 -44.67 4.87
CA SER A 368 17.62 -45.59 4.26
C SER A 368 16.92 -46.44 3.19
N THR A 369 15.59 -46.24 3.03
CA THR A 369 14.73 -46.95 2.07
C THR A 369 14.53 -46.10 0.80
N GLU A 370 14.41 -46.77 -0.36
CA GLU A 370 14.27 -46.13 -1.67
C GLU A 370 12.97 -45.33 -1.86
N ASN A 371 12.99 -44.42 -2.88
CA ASN A 371 11.90 -43.55 -3.32
C ASN A 371 11.26 -42.72 -2.19
N SER A 372 12.07 -42.32 -1.19
CA SER A 372 11.61 -41.46 -0.10
C SER A 372 11.38 -40.05 -0.65
N LYS A 373 10.51 -39.27 0.00
CA LYS A 373 10.17 -37.92 -0.45
C LYS A 373 10.73 -36.81 0.42
N MET A 374 11.01 -35.68 -0.21
CA MET A 374 11.60 -34.52 0.44
C MET A 374 10.97 -33.25 -0.12
N MET A 375 10.73 -32.28 0.76
CA MET A 375 10.20 -30.98 0.39
C MET A 375 11.32 -29.96 0.54
N LEU A 376 11.49 -29.12 -0.48
CA LEU A 376 12.54 -28.10 -0.48
C LEU A 376 11.96 -26.75 -0.75
N GLU A 377 12.58 -25.70 -0.17
CA GLU A 377 12.20 -24.32 -0.40
C GLU A 377 13.43 -23.50 -0.73
N LEU A 378 13.39 -22.85 -1.89
CA LEU A 378 14.49 -22.05 -2.42
C LEU A 378 14.06 -20.61 -2.56
N ASP A 379 15.00 -19.68 -2.36
CA ASP A 379 14.81 -18.23 -2.52
C ASP A 379 15.58 -17.86 -3.78
N PRO A 380 14.91 -17.84 -4.95
CA PRO A 380 15.64 -17.61 -6.20
C PRO A 380 16.04 -16.17 -6.43
N PRO A 381 17.10 -15.92 -7.23
CA PRO A 381 17.45 -14.53 -7.53
C PRO A 381 16.45 -13.93 -8.51
N PHE A 382 16.48 -12.61 -8.70
CA PHE A 382 15.56 -11.97 -9.63
C PHE A 382 15.95 -12.23 -11.06
N GLY A 383 14.96 -12.58 -11.87
CA GLY A 383 15.13 -12.88 -13.28
C GLY A 383 15.22 -14.37 -13.53
N ASP A 384 16.02 -14.75 -14.54
CA ASP A 384 16.19 -16.14 -14.93
C ASP A 384 17.29 -16.87 -14.15
N SER A 385 17.00 -18.12 -13.77
CA SER A 385 17.90 -19.04 -13.04
C SER A 385 17.37 -20.47 -13.20
N TYR A 386 18.15 -21.47 -12.77
CA TYR A 386 17.73 -22.87 -12.85
C TYR A 386 17.76 -23.49 -11.47
N ILE A 387 16.79 -24.37 -11.18
CA ILE A 387 16.74 -25.17 -9.95
C ILE A 387 17.58 -26.43 -10.26
N VAL A 388 18.65 -26.66 -9.49
CA VAL A 388 19.52 -27.82 -9.75
C VAL A 388 19.52 -28.77 -8.55
N ILE A 389 18.88 -29.95 -8.70
CA ILE A 389 18.83 -30.99 -7.65
C ILE A 389 19.65 -32.19 -8.12
N GLY A 390 20.61 -32.61 -7.31
CA GLY A 390 21.46 -33.75 -7.64
C GLY A 390 22.76 -33.35 -8.32
N VAL A 391 23.60 -34.34 -8.63
CA VAL A 391 24.91 -34.12 -9.25
C VAL A 391 25.13 -35.03 -10.47
N GLY A 392 26.03 -34.62 -11.37
CA GLY A 392 26.40 -35.38 -12.57
C GLY A 392 25.33 -35.42 -13.65
N GLU A 393 25.35 -36.48 -14.47
CA GLU A 393 24.40 -36.66 -15.58
C GLU A 393 22.97 -36.87 -15.06
N LYS A 394 22.84 -37.57 -13.91
CA LYS A 394 21.57 -37.90 -13.28
C LYS A 394 20.88 -36.71 -12.58
N LYS A 395 21.53 -35.51 -12.52
CA LYS A 395 20.95 -34.32 -11.90
C LYS A 395 19.69 -33.80 -12.62
N ILE A 396 18.77 -33.18 -11.87
CA ILE A 396 17.54 -32.64 -12.44
C ILE A 396 17.54 -31.11 -12.42
N THR A 397 17.04 -30.52 -13.50
CA THR A 397 17.01 -29.09 -13.73
C THR A 397 15.59 -28.61 -14.01
N HIS A 398 15.30 -27.35 -13.67
CA HIS A 398 14.04 -26.68 -13.97
C HIS A 398 14.28 -25.18 -14.08
N HIS A 399 13.95 -24.59 -15.25
CA HIS A 399 14.13 -23.16 -15.47
C HIS A 399 13.13 -22.37 -14.64
N TRP A 400 13.58 -21.26 -14.05
CA TRP A 400 12.76 -20.42 -13.20
C TRP A 400 12.91 -18.93 -13.49
N HIS A 401 11.79 -18.20 -13.45
CA HIS A 401 11.76 -16.75 -13.65
C HIS A 401 11.04 -16.09 -12.46
N ARG A 402 11.74 -15.17 -11.79
CA ARG A 402 11.19 -14.44 -10.66
C ARG A 402 10.96 -12.95 -11.03
N SER A 403 9.71 -12.47 -10.88
CA SER A 403 9.25 -11.10 -11.16
C SER A 403 9.61 -10.62 -12.56
N GLY A 437 23.58 -18.89 1.48
CA GLY A 437 23.71 -20.14 0.76
C GLY A 437 22.69 -21.18 1.19
N GLY A 438 23.08 -22.01 2.15
CA GLY A 438 22.24 -23.10 2.64
C GLY A 438 22.42 -24.38 1.85
N SER A 439 23.28 -24.35 0.81
CA SER A 439 23.58 -25.50 -0.04
C SER A 439 24.78 -26.28 0.49
N TRP A 440 24.76 -27.60 0.34
CA TRP A 440 25.90 -28.42 0.73
C TRP A 440 26.95 -28.30 -0.37
N SER A 441 28.22 -28.04 0.00
CA SER A 441 29.29 -28.01 -0.99
C SER A 441 29.63 -29.46 -1.38
N HIS A 442 30.15 -29.66 -2.60
CA HIS A 442 30.49 -30.98 -3.12
C HIS A 442 31.54 -30.87 -4.23
N PRO A 443 32.26 -31.97 -4.61
CA PRO A 443 33.24 -31.86 -5.72
C PRO A 443 32.56 -31.68 -7.09
N GLN A 444 33.35 -31.44 -8.15
CA GLN A 444 32.80 -31.28 -9.50
C GLN A 444 32.49 -32.67 -10.08
N PHE A 445 31.25 -32.88 -10.52
CA PHE A 445 30.78 -34.14 -11.14
C PHE A 445 30.61 -33.93 -12.63
N GLU A 446 30.59 -32.66 -13.05
CA GLU A 446 30.47 -32.22 -14.44
C GLU A 446 31.85 -32.15 -15.07
N ILE B 1 17.08 14.47 -20.69
CA ILE B 1 15.76 14.04 -21.13
C ILE B 1 14.68 14.54 -20.14
N ARG B 2 13.40 14.50 -20.56
CA ARG B 2 12.24 14.83 -19.74
C ARG B 2 11.79 13.54 -19.08
N CYS B 3 11.02 13.65 -17.96
CA CYS B 3 10.38 12.53 -17.25
C CYS B 3 11.29 11.67 -16.37
N ILE B 4 12.56 11.46 -16.77
CA ILE B 4 13.52 10.60 -16.05
C ILE B 4 13.58 10.84 -14.52
N GLY B 5 13.17 12.01 -14.05
CA GLY B 5 13.17 12.33 -12.62
C GLY B 5 11.80 12.35 -11.97
N VAL B 6 10.73 12.41 -12.79
CA VAL B 6 9.33 12.47 -12.35
C VAL B 6 8.92 11.20 -11.62
N SER B 7 8.43 11.34 -10.38
CA SER B 7 7.95 10.24 -9.56
C SER B 7 6.63 9.67 -10.11
N ASN B 8 5.67 10.55 -10.46
CA ASN B 8 4.40 10.11 -11.05
C ASN B 8 4.56 9.91 -12.55
N ARG B 9 5.19 8.80 -12.93
CA ARG B 9 5.47 8.49 -14.33
C ARG B 9 4.80 7.18 -14.76
N ASP B 10 4.11 7.23 -15.91
CA ASP B 10 3.44 6.06 -16.46
C ASP B 10 4.13 5.61 -17.74
N PHE B 11 4.20 4.29 -17.97
CA PHE B 11 4.82 3.72 -19.17
C PHE B 11 3.75 2.96 -19.92
N VAL B 12 3.33 3.47 -21.09
CA VAL B 12 2.29 2.81 -21.87
C VAL B 12 2.86 2.22 -23.15
N GLU B 13 2.52 0.95 -23.44
CA GLU B 13 3.01 0.26 -24.63
C GLU B 13 1.91 0.06 -25.66
N GLY B 14 2.19 0.49 -26.88
CA GLY B 14 1.26 0.35 -28.00
C GLY B 14 1.53 -0.92 -28.79
N GLY B 18 -0.24 -1.23 -34.52
CA GLY B 18 -1.17 -0.42 -33.73
C GLY B 18 -1.26 1.01 -34.19
N THR B 19 -2.46 1.60 -34.10
CA THR B 19 -2.71 2.99 -34.50
C THR B 19 -3.01 3.89 -33.32
N TRP B 20 -3.88 3.43 -32.40
CA TRP B 20 -4.31 4.20 -31.23
C TRP B 20 -3.77 3.68 -29.89
N VAL B 21 -3.44 4.61 -28.97
CA VAL B 21 -2.92 4.34 -27.61
C VAL B 21 -3.69 5.21 -26.60
N ASP B 22 -4.34 4.57 -25.60
CA ASP B 22 -5.10 5.28 -24.57
C ASP B 22 -4.17 5.78 -23.46
N VAL B 23 -4.32 7.07 -23.12
CA VAL B 23 -3.48 7.74 -22.12
C VAL B 23 -4.31 8.63 -21.15
N VAL B 24 -3.94 8.63 -19.86
CA VAL B 24 -4.57 9.46 -18.83
C VAL B 24 -3.53 10.47 -18.33
N LEU B 25 -3.79 11.77 -18.56
CA LEU B 25 -2.85 12.85 -18.22
C LEU B 25 -3.17 13.57 -16.89
N GLU B 26 -2.26 13.43 -15.92
CA GLU B 26 -2.35 14.03 -14.58
C GLU B 26 -1.45 15.26 -14.46
N HIS B 27 -1.73 16.14 -13.48
CA HIS B 27 -0.88 17.30 -13.23
C HIS B 27 0.40 16.85 -12.53
N GLY B 28 1.53 17.36 -13.01
CA GLY B 28 2.85 16.99 -12.50
C GLY B 28 3.20 15.55 -12.79
N GLY B 29 2.61 15.01 -13.84
CA GLY B 29 2.80 13.62 -14.26
C GLY B 29 3.24 13.49 -15.70
N CYS B 30 4.02 12.44 -16.00
CA CYS B 30 4.49 12.16 -17.37
C CYS B 30 4.09 10.77 -17.82
N VAL B 31 3.76 10.64 -19.10
CA VAL B 31 3.45 9.35 -19.72
C VAL B 31 4.46 9.08 -20.83
N THR B 32 5.23 7.98 -20.71
CA THR B 32 6.21 7.55 -21.71
C THR B 32 5.50 6.52 -22.61
N VAL B 33 5.12 6.92 -23.84
CA VAL B 33 4.45 6.02 -24.78
C VAL B 33 5.48 5.36 -25.72
N MET B 34 5.55 4.02 -25.67
CA MET B 34 6.46 3.19 -26.46
C MET B 34 5.68 2.35 -27.46
N ALA B 35 6.27 2.15 -28.67
CA ALA B 35 5.68 1.37 -29.75
C ALA B 35 6.80 0.77 -30.61
N GLN B 36 6.53 -0.40 -31.22
CA GLN B 36 7.48 -1.12 -32.07
C GLN B 36 7.74 -0.35 -33.37
N ASP B 37 9.03 -0.14 -33.72
CA ASP B 37 9.51 0.59 -34.90
C ASP B 37 9.02 2.05 -34.96
N LYS B 38 8.72 2.65 -33.80
CA LYS B 38 8.29 4.04 -33.66
C LYS B 38 9.19 4.75 -32.64
N PRO B 39 9.37 6.11 -32.71
CA PRO B 39 10.16 6.77 -31.65
C PRO B 39 9.34 6.86 -30.35
N THR B 40 9.98 6.70 -29.19
CA THR B 40 9.22 6.81 -27.95
C THR B 40 8.94 8.28 -27.67
N VAL B 41 7.70 8.57 -27.26
CA VAL B 41 7.24 9.93 -27.03
C VAL B 41 6.82 10.14 -25.58
N ASP B 42 7.12 11.31 -25.02
CA ASP B 42 6.70 11.70 -23.67
C ASP B 42 5.57 12.70 -23.80
N ILE B 43 4.49 12.45 -23.09
CA ILE B 43 3.30 13.30 -23.10
C ILE B 43 3.00 13.77 -21.66
N GLU B 44 3.04 15.09 -21.45
CA GLU B 44 2.83 15.72 -20.15
C GLU B 44 1.77 16.82 -20.24
N LEU B 45 0.87 16.90 -19.24
CA LEU B 45 -0.14 17.96 -19.17
C LEU B 45 0.51 19.12 -18.43
N VAL B 46 0.81 20.22 -19.15
CA VAL B 46 1.49 21.40 -18.61
C VAL B 46 0.53 22.26 -17.78
N THR B 47 -0.57 22.76 -18.39
CA THR B 47 -1.54 23.61 -17.72
C THR B 47 -3.00 23.32 -18.08
N THR B 48 -3.90 23.57 -17.12
CA THR B 48 -5.36 23.49 -17.25
C THR B 48 -5.83 24.86 -16.81
N THR B 49 -6.28 25.69 -17.75
CA THR B 49 -6.70 27.06 -17.46
C THR B 49 -8.15 27.31 -17.79
N VAL B 50 -8.80 28.18 -16.98
CA VAL B 50 -10.19 28.57 -17.17
C VAL B 50 -10.29 30.13 -17.24
N SER B 51 -10.62 30.68 -18.44
CA SER B 51 -10.66 32.13 -18.69
C SER B 51 -12.07 32.69 -18.95
N ASN B 52 -12.22 34.04 -18.88
CA ASN B 52 -13.47 34.77 -19.16
C ASN B 52 -14.72 34.16 -18.49
N MET B 53 -14.64 33.91 -17.18
CA MET B 53 -15.74 33.33 -16.44
C MET B 53 -16.69 34.40 -15.96
N ALA B 54 -18.00 34.12 -16.07
CA ALA B 54 -19.05 35.05 -15.65
C ALA B 54 -19.39 34.87 -14.17
N GLU B 55 -19.50 35.99 -13.44
CA GLU B 55 -19.81 36.00 -12.01
C GLU B 55 -21.27 35.57 -11.79
N VAL B 56 -21.49 34.64 -10.84
CA VAL B 56 -22.84 34.14 -10.53
C VAL B 56 -23.37 34.67 -9.17
N ARG B 57 -22.48 34.83 -8.17
CA ARG B 57 -22.83 35.31 -6.83
C ARG B 57 -21.62 35.80 -6.06
N SER B 58 -21.80 36.85 -5.24
CA SER B 58 -20.80 37.45 -4.35
C SER B 58 -21.24 37.27 -2.90
N TYR B 59 -20.32 36.87 -2.02
CA TYR B 59 -20.63 36.71 -0.60
C TYR B 59 -19.78 37.65 0.24
N CYS B 60 -20.41 38.35 1.19
CA CYS B 60 -19.70 39.24 2.11
C CYS B 60 -19.16 38.39 3.25
N TYR B 61 -17.83 38.44 3.50
CA TYR B 61 -17.25 37.68 4.61
C TYR B 61 -16.76 38.60 5.74
N GLU B 62 -16.62 39.91 5.46
CA GLU B 62 -16.22 40.92 6.44
C GLU B 62 -17.05 42.18 6.19
N ALA B 63 -17.80 42.62 7.22
CA ALA B 63 -18.68 43.78 7.11
C ALA B 63 -18.46 44.81 8.20
N SER B 64 -19.10 45.97 8.05
CA SER B 64 -19.05 47.08 9.01
C SER B 64 -20.40 47.78 9.02
N ILE B 65 -20.78 48.33 10.18
CA ILE B 65 -22.05 49.06 10.31
C ILE B 65 -21.82 50.51 10.74
N SER B 66 -22.75 51.40 10.35
CA SER B 66 -22.74 52.83 10.68
C SER B 66 -24.18 53.38 10.64
N ASP B 67 -24.35 54.70 10.89
CA ASP B 67 -25.65 55.39 10.86
C ASP B 67 -26.74 54.65 11.66
N MET B 68 -26.44 54.28 12.92
CA MET B 68 -27.41 53.57 13.75
C MET B 68 -28.48 54.51 14.29
N ALA B 69 -29.74 54.09 14.19
CA ALA B 69 -30.89 54.83 14.64
C ALA B 69 -31.88 53.89 15.30
N SER B 70 -32.74 54.44 16.17
CA SER B 70 -33.75 53.67 16.87
C SER B 70 -35.06 54.44 16.94
N ASP B 71 -36.15 53.72 17.14
CA ASP B 71 -37.49 54.30 17.33
C ASP B 71 -38.28 53.40 18.25
N SER B 72 -39.12 54.00 19.09
CA SER B 72 -39.97 53.28 20.03
C SER B 72 -41.31 53.96 20.20
N ARG B 73 -42.33 53.19 20.57
CA ARG B 73 -43.68 53.70 20.85
C ARG B 73 -44.05 53.29 22.26
N CYS B 74 -45.09 53.92 22.83
CA CYS B 74 -45.57 53.59 24.16
C CYS B 74 -46.43 52.29 24.14
N PRO B 75 -46.63 51.60 25.29
CA PRO B 75 -47.34 50.31 25.30
C PRO B 75 -48.54 50.08 24.33
N THR B 76 -49.49 51.03 24.23
CA THR B 76 -50.66 50.81 23.36
C THR B 76 -50.62 51.62 22.05
N GLN B 77 -49.53 52.37 21.82
CA GLN B 77 -49.41 53.27 20.67
C GLN B 77 -48.97 52.60 19.35
N GLY B 78 -48.94 51.27 19.32
CA GLY B 78 -48.62 50.51 18.10
C GLY B 78 -47.15 50.27 17.85
N GLU B 79 -46.81 49.92 16.58
CA GLU B 79 -45.46 49.57 16.12
C GLU B 79 -44.56 50.76 15.80
N ALA B 80 -43.27 50.63 16.16
CA ALA B 80 -42.26 51.65 15.92
C ALA B 80 -41.86 51.70 14.44
N TYR B 81 -41.63 52.93 13.92
CA TYR B 81 -41.28 53.13 12.51
C TYR B 81 -40.02 53.98 12.29
N LEU B 82 -39.22 53.57 11.28
CA LEU B 82 -38.03 54.27 10.81
C LEU B 82 -38.06 54.27 9.29
N ASP B 83 -37.63 55.37 8.63
CA ASP B 83 -37.58 55.44 7.16
C ASP B 83 -36.54 54.45 6.59
N LYS B 84 -35.53 54.10 7.43
CA LYS B 84 -34.46 53.15 7.13
C LYS B 84 -34.97 51.71 6.94
N GLN B 85 -36.22 51.42 7.37
CA GLN B 85 -36.89 50.12 7.21
C GLN B 85 -37.10 49.79 5.72
N SER B 86 -37.38 50.82 4.89
CA SER B 86 -37.59 50.69 3.45
C SER B 86 -36.28 50.71 2.64
N ASP B 87 -35.17 51.19 3.26
CA ASP B 87 -33.85 51.27 2.61
C ASP B 87 -33.17 49.91 2.61
N THR B 88 -32.75 49.46 1.40
CA THR B 88 -32.09 48.18 1.17
C THR B 88 -30.67 48.11 1.78
N GLN B 89 -30.03 49.27 1.99
CA GLN B 89 -28.69 49.38 2.57
C GLN B 89 -28.70 49.19 4.09
N TYR B 90 -29.90 49.24 4.70
CA TYR B 90 -30.05 49.16 6.14
C TYR B 90 -30.55 47.81 6.66
N VAL B 91 -29.87 47.26 7.68
CA VAL B 91 -30.26 46.03 8.36
C VAL B 91 -31.05 46.45 9.65
N CYS B 92 -32.30 45.95 9.78
CA CYS B 92 -33.20 46.34 10.87
C CYS B 92 -33.81 45.16 11.62
N LYS B 93 -34.20 45.39 12.90
CA LYS B 93 -34.88 44.40 13.75
C LYS B 93 -35.84 45.06 14.72
N ARG B 94 -37.04 44.47 14.87
CA ARG B 94 -38.09 44.93 15.78
C ARG B 94 -38.14 44.06 17.03
N THR B 95 -38.28 44.67 18.20
CA THR B 95 -38.42 43.96 19.49
C THR B 95 -39.41 44.69 20.42
N LEU B 96 -39.41 44.34 21.71
CA LEU B 96 -40.25 44.94 22.75
C LEU B 96 -39.38 45.36 23.92
N VAL B 97 -39.59 46.58 24.40
CA VAL B 97 -38.79 47.17 25.47
C VAL B 97 -39.69 47.69 26.62
N ASP B 98 -39.16 47.71 27.87
CA ASP B 98 -39.90 48.20 29.03
C ASP B 98 -40.14 49.70 28.92
N ARG B 99 -41.41 50.11 28.97
CA ARG B 99 -41.81 51.52 28.89
C ARG B 99 -42.61 51.88 30.14
N GLY B 100 -42.62 53.16 30.47
CA GLY B 100 -43.35 53.66 31.64
C GLY B 100 -43.13 55.13 31.94
N TRP B 101 -43.63 55.60 33.09
CA TRP B 101 -43.52 56.98 33.57
C TRP B 101 -42.09 57.48 33.60
N GLY B 102 -41.15 56.61 34.00
CA GLY B 102 -39.74 56.95 34.11
C GLY B 102 -39.01 57.19 32.81
N ASN B 103 -39.63 56.86 31.65
CA ASN B 103 -38.95 57.05 30.37
C ASN B 103 -39.85 57.64 29.27
N GLY B 104 -40.86 58.43 29.67
CA GLY B 104 -41.69 59.19 28.75
C GLY B 104 -43.02 58.64 28.31
N CYS B 105 -43.57 57.64 29.01
CA CYS B 105 -44.87 57.08 28.65
C CYS B 105 -45.85 57.20 29.79
N GLY B 106 -47.12 57.39 29.44
CA GLY B 106 -48.19 57.49 30.41
C GLY B 106 -48.62 56.15 30.96
N LEU B 107 -48.28 55.07 30.23
CA LEU B 107 -48.62 53.70 30.61
C LEU B 107 -47.37 52.87 30.80
N PHE B 108 -47.45 51.84 31.65
CA PHE B 108 -46.36 50.89 31.90
C PHE B 108 -46.62 49.64 31.11
N GLY B 109 -45.54 48.99 30.68
CA GLY B 109 -45.61 47.77 29.90
C GLY B 109 -44.66 47.79 28.74
N LYS B 110 -44.69 46.73 27.94
CA LYS B 110 -43.82 46.61 26.78
C LYS B 110 -44.27 47.48 25.64
N GLY B 111 -43.32 48.21 25.07
CA GLY B 111 -43.52 49.07 23.92
C GLY B 111 -42.68 48.59 22.75
N SER B 112 -43.16 48.83 21.52
CA SER B 112 -42.46 48.45 20.30
C SER B 112 -41.16 49.24 20.16
N LEU B 113 -40.11 48.59 19.62
CA LEU B 113 -38.82 49.23 19.40
C LEU B 113 -38.14 48.67 18.15
N VAL B 114 -37.69 49.56 17.26
CA VAL B 114 -36.98 49.16 16.05
C VAL B 114 -35.57 49.78 16.06
N THR B 115 -34.57 49.02 15.59
CA THR B 115 -33.17 49.43 15.51
C THR B 115 -32.67 49.22 14.09
N CYS B 116 -32.01 50.24 13.50
CA CYS B 116 -31.48 50.16 12.14
C CYS B 116 -30.02 50.55 12.04
N ALA B 117 -29.30 49.95 11.08
CA ALA B 117 -27.87 50.22 10.84
C ALA B 117 -27.54 50.07 9.37
N LYS B 118 -26.72 50.99 8.83
CA LYS B 118 -26.27 50.95 7.44
C LYS B 118 -25.19 49.89 7.30
N PHE B 119 -25.49 48.84 6.52
CA PHE B 119 -24.57 47.73 6.27
C PHE B 119 -23.60 48.05 5.14
N ALA B 120 -22.30 47.89 5.41
CA ALA B 120 -21.25 48.10 4.42
C ALA B 120 -20.37 46.87 4.35
N CYS B 121 -20.09 46.41 3.13
CA CYS B 121 -19.22 45.25 2.94
C CYS B 121 -17.77 45.73 2.76
N SER B 122 -16.85 45.19 3.58
CA SER B 122 -15.44 45.56 3.55
C SER B 122 -14.68 44.65 2.62
N LYS B 123 -14.97 43.34 2.70
CA LYS B 123 -14.32 42.31 1.90
C LYS B 123 -15.34 41.27 1.43
N LYS B 124 -15.23 40.84 0.17
CA LYS B 124 -16.15 39.86 -0.41
C LYS B 124 -15.47 38.78 -1.24
N MET B 125 -16.12 37.61 -1.34
CA MET B 125 -15.66 36.49 -2.15
C MET B 125 -16.61 36.34 -3.34
N THR B 126 -16.06 36.01 -4.51
CA THR B 126 -16.87 35.85 -5.72
C THR B 126 -16.85 34.43 -6.24
N GLY B 127 -17.96 34.00 -6.83
CA GLY B 127 -18.10 32.68 -7.44
C GLY B 127 -18.38 32.82 -8.92
N LYS B 128 -17.56 32.16 -9.77
CA LYS B 128 -17.70 32.26 -11.22
C LYS B 128 -18.10 30.93 -11.87
N SER B 129 -18.91 30.99 -12.95
CA SER B 129 -19.40 29.82 -13.66
C SER B 129 -18.38 29.30 -14.68
N ILE B 130 -18.06 27.99 -14.61
CA ILE B 130 -17.12 27.34 -15.53
C ILE B 130 -17.91 26.80 -16.74
N GLN B 131 -17.70 27.38 -17.93
CA GLN B 131 -18.40 26.94 -19.14
C GLN B 131 -17.40 26.30 -20.09
N PRO B 132 -17.81 25.37 -21.00
CA PRO B 132 -16.84 24.76 -21.94
C PRO B 132 -16.02 25.78 -22.74
N GLU B 133 -16.61 26.96 -23.02
CA GLU B 133 -16.01 28.11 -23.72
C GLU B 133 -14.78 28.65 -22.95
N ASN B 134 -14.79 28.51 -21.62
CA ASN B 134 -13.78 29.00 -20.69
C ASN B 134 -12.56 28.08 -20.47
N LEU B 135 -12.72 26.76 -20.67
CA LEU B 135 -11.67 25.76 -20.40
C LEU B 135 -10.65 25.56 -21.53
N GLU B 136 -9.37 25.34 -21.16
CA GLU B 136 -8.23 25.11 -22.06
C GLU B 136 -7.15 24.25 -21.41
N TYR B 137 -6.64 23.25 -22.15
CA TYR B 137 -5.56 22.35 -21.72
C TYR B 137 -4.33 22.57 -22.60
N ARG B 138 -3.12 22.60 -21.99
CA ARG B 138 -1.88 22.73 -22.74
C ARG B 138 -1.03 21.49 -22.50
N ILE B 139 -0.88 20.66 -23.54
CA ILE B 139 -0.15 19.40 -23.45
C ILE B 139 1.16 19.51 -24.21
N MET B 140 2.26 19.08 -23.60
CA MET B 140 3.56 19.07 -24.27
C MET B 140 3.95 17.64 -24.69
N LEU B 141 4.33 17.48 -25.97
CA LEU B 141 4.73 16.20 -26.57
C LEU B 141 6.21 16.28 -26.97
N SER B 142 7.04 15.34 -26.48
CA SER B 142 8.47 15.32 -26.78
C SER B 142 8.96 13.97 -27.26
N VAL B 143 9.92 13.97 -28.18
CA VAL B 143 10.54 12.72 -28.64
C VAL B 143 11.58 12.37 -27.57
N HIS B 144 11.33 11.28 -26.83
CA HIS B 144 12.13 10.83 -25.70
C HIS B 144 13.58 10.43 -26.06
N GLY B 145 14.52 11.32 -25.70
CA GLY B 145 15.95 11.10 -25.85
C GLY B 145 16.61 11.53 -27.15
N SER B 146 15.98 12.46 -27.89
CA SER B 146 16.53 12.99 -29.14
C SER B 146 17.73 13.90 -28.82
N GLN B 147 18.76 13.92 -29.69
CA GLN B 147 19.97 14.73 -29.48
C GLN B 147 19.67 16.23 -29.55
N GLU B 162 11.80 20.96 -34.72
CA GLU B 162 11.82 20.71 -33.29
C GLU B 162 11.19 19.36 -32.93
N ASN B 163 11.79 18.68 -31.93
CA ASN B 163 11.36 17.36 -31.44
C ASN B 163 10.41 17.47 -30.24
N ARG B 164 9.98 18.71 -29.93
CA ARG B 164 9.05 19.04 -28.86
C ARG B 164 7.92 19.87 -29.46
N ALA B 165 6.70 19.72 -28.93
CA ALA B 165 5.53 20.47 -29.42
C ALA B 165 4.56 20.79 -28.28
N LYS B 166 3.98 22.00 -28.30
CA LYS B 166 3.01 22.47 -27.32
C LYS B 166 1.62 22.51 -27.99
N VAL B 167 0.72 21.62 -27.56
CA VAL B 167 -0.62 21.44 -28.11
C VAL B 167 -1.71 22.04 -27.19
N GLU B 168 -2.68 22.77 -27.77
CA GLU B 168 -3.76 23.41 -27.01
C GLU B 168 -5.11 22.78 -27.35
N ILE B 169 -5.81 22.19 -26.34
CA ILE B 169 -7.12 21.56 -26.57
C ILE B 169 -8.20 22.13 -25.62
N THR B 170 -9.41 22.35 -26.19
CA THR B 170 -10.60 22.89 -25.53
C THR B 170 -11.82 22.03 -25.98
N PRO B 171 -13.05 22.15 -25.41
CA PRO B 171 -14.18 21.36 -25.93
C PRO B 171 -14.57 21.75 -27.36
N ASN B 172 -14.30 23.01 -27.76
CA ASN B 172 -14.52 23.55 -29.11
C ASN B 172 -13.55 22.85 -30.09
N SER B 173 -12.27 22.70 -29.69
CA SER B 173 -11.23 22.05 -30.47
C SER B 173 -10.56 20.92 -29.66
N PRO B 174 -11.21 19.74 -29.50
CA PRO B 174 -10.60 18.65 -28.72
C PRO B 174 -9.55 17.84 -29.51
N ARG B 175 -9.50 18.03 -30.84
CA ARG B 175 -8.55 17.35 -31.73
C ARG B 175 -7.34 18.26 -32.01
N ALA B 176 -6.12 17.70 -32.03
CA ALA B 176 -4.87 18.43 -32.32
C ALA B 176 -3.80 17.56 -32.97
N GLU B 177 -2.97 18.16 -33.84
CA GLU B 177 -1.90 17.49 -34.56
C GLU B 177 -0.55 18.16 -34.24
N ALA B 178 0.43 17.36 -33.76
CA ALA B 178 1.76 17.85 -33.38
C ALA B 178 2.86 17.37 -34.34
N THR B 179 3.61 18.30 -34.94
CA THR B 179 4.71 17.95 -35.84
C THR B 179 6.01 17.86 -35.02
N LEU B 180 6.73 16.73 -35.16
CA LEU B 180 7.96 16.50 -34.40
C LEU B 180 9.20 16.34 -35.31
N GLY B 181 9.30 17.22 -36.30
CA GLY B 181 10.40 17.28 -37.24
C GLY B 181 10.64 16.01 -38.04
N GLY B 182 11.80 15.39 -37.83
CA GLY B 182 12.19 14.15 -38.49
C GLY B 182 11.56 12.90 -37.91
N PHE B 183 10.69 13.07 -36.91
CA PHE B 183 10.00 11.97 -36.25
C PHE B 183 8.55 11.89 -36.69
N GLY B 184 8.21 12.66 -37.71
CA GLY B 184 6.89 12.69 -38.30
C GLY B 184 5.91 13.59 -37.59
N SER B 185 4.70 13.06 -37.36
CA SER B 185 3.58 13.76 -36.75
C SER B 185 2.83 12.88 -35.74
N LEU B 186 2.09 13.51 -34.82
CA LEU B 186 1.33 12.79 -33.80
C LEU B 186 -0.04 13.44 -33.53
N GLY B 187 -1.09 12.63 -33.59
CA GLY B 187 -2.46 13.07 -33.40
C GLY B 187 -2.98 12.83 -32.00
N LEU B 188 -3.80 13.77 -31.49
CA LEU B 188 -4.36 13.70 -30.15
C LEU B 188 -5.86 13.94 -30.17
N ASP B 189 -6.65 12.94 -29.72
CA ASP B 189 -8.10 13.06 -29.63
C ASP B 189 -8.47 12.90 -28.15
N CYS B 190 -8.87 14.00 -27.51
CA CYS B 190 -9.14 14.02 -26.07
C CYS B 190 -10.59 14.29 -25.71
N GLU B 191 -10.90 14.17 -24.40
CA GLU B 191 -12.22 14.46 -23.85
C GLU B 191 -12.08 15.55 -22.73
N PRO B 192 -11.95 16.85 -23.11
CA PRO B 192 -11.81 17.92 -22.09
C PRO B 192 -13.02 18.14 -21.17
N ARG B 193 -14.22 17.74 -21.63
CA ARG B 193 -15.48 17.88 -20.88
C ARG B 193 -15.53 16.99 -19.63
N THR B 194 -14.99 15.75 -19.72
CA THR B 194 -14.98 14.77 -18.62
C THR B 194 -13.75 14.87 -17.68
N GLY B 195 -12.87 15.84 -17.94
CA GLY B 195 -11.65 16.08 -17.16
C GLY B 195 -11.87 16.20 -15.66
N LEU B 196 -13.04 16.75 -15.29
CA LEU B 196 -13.51 16.95 -13.91
C LEU B 196 -15.04 17.12 -13.99
N ASP B 197 -15.73 17.12 -12.83
CA ASP B 197 -17.19 17.30 -12.80
C ASP B 197 -17.53 18.79 -12.92
N PHE B 198 -17.10 19.43 -14.04
CA PHE B 198 -17.31 20.86 -14.31
C PHE B 198 -18.79 21.25 -14.37
N SER B 199 -19.68 20.27 -14.68
CA SER B 199 -21.13 20.43 -14.76
C SER B 199 -21.74 20.89 -13.44
N ASP B 200 -21.06 20.59 -12.31
CA ASP B 200 -21.49 20.95 -10.97
C ASP B 200 -20.36 21.66 -10.18
N LEU B 201 -19.59 22.54 -10.85
CA LEU B 201 -18.50 23.26 -10.21
C LEU B 201 -18.50 24.77 -10.48
N TYR B 202 -18.04 25.52 -9.48
CA TYR B 202 -17.86 26.97 -9.54
C TYR B 202 -16.43 27.30 -9.14
N TYR B 203 -15.88 28.38 -9.71
CA TYR B 203 -14.53 28.85 -9.39
C TYR B 203 -14.65 29.91 -8.28
N LEU B 204 -14.27 29.54 -7.06
CA LEU B 204 -14.36 30.43 -5.90
C LEU B 204 -13.08 31.25 -5.73
N THR B 205 -13.23 32.58 -5.56
CA THR B 205 -12.15 33.55 -5.40
C THR B 205 -12.34 34.29 -4.06
N MET B 206 -11.35 34.17 -3.14
CA MET B 206 -11.38 34.85 -1.84
C MET B 206 -9.99 35.37 -1.45
N ASN B 207 -9.77 36.69 -1.59
CA ASN B 207 -8.52 37.39 -1.29
C ASN B 207 -7.28 36.65 -1.84
N ASN B 208 -7.11 36.67 -3.18
CA ASN B 208 -5.99 36.08 -3.93
C ASN B 208 -5.83 34.55 -3.77
N LYS B 209 -6.86 33.85 -3.21
CA LYS B 209 -6.88 32.39 -3.04
C LYS B 209 -8.06 31.78 -3.78
N HIS B 210 -7.80 30.70 -4.56
CA HIS B 210 -8.84 30.10 -5.40
C HIS B 210 -9.13 28.64 -5.09
N TRP B 211 -10.41 28.23 -5.27
CA TRP B 211 -10.91 26.89 -5.02
C TRP B 211 -11.95 26.46 -6.05
N LEU B 212 -12.11 25.14 -6.23
CA LEU B 212 -13.17 24.58 -7.06
C LEU B 212 -14.24 24.08 -6.08
N VAL B 213 -15.43 24.69 -6.14
CA VAL B 213 -16.52 24.36 -5.22
C VAL B 213 -17.72 23.75 -5.93
N HIS B 214 -18.40 22.79 -5.28
CA HIS B 214 -19.62 22.19 -5.80
C HIS B 214 -20.75 23.20 -5.67
N LYS B 215 -21.56 23.38 -6.75
CA LYS B 215 -22.63 24.37 -6.83
C LYS B 215 -23.67 24.29 -5.68
N GLU B 216 -23.93 23.09 -5.12
CA GLU B 216 -24.87 22.92 -4.00
C GLU B 216 -24.33 23.55 -2.71
N TRP B 217 -23.05 23.27 -2.37
CA TRP B 217 -22.39 23.80 -1.17
C TRP B 217 -22.31 25.33 -1.21
N PHE B 218 -21.85 25.90 -2.35
CA PHE B 218 -21.69 27.34 -2.56
C PHE B 218 -23.02 28.10 -2.43
N HIS B 219 -24.13 27.48 -2.86
CA HIS B 219 -25.46 28.07 -2.81
C HIS B 219 -26.01 28.19 -1.37
N ASP B 220 -25.57 27.30 -0.46
CA ASP B 220 -26.06 27.23 0.93
C ASP B 220 -25.20 28.00 1.96
N ILE B 221 -24.22 28.81 1.49
CA ILE B 221 -23.31 29.59 2.36
C ILE B 221 -24.10 30.58 3.26
N PRO B 222 -23.95 30.50 4.60
CA PRO B 222 -24.69 31.41 5.48
C PRO B 222 -24.01 32.76 5.69
N LEU B 223 -23.91 33.55 4.60
CA LEU B 223 -23.29 34.87 4.58
C LEU B 223 -24.11 35.84 3.73
N PRO B 224 -24.04 37.18 3.97
CA PRO B 224 -24.78 38.11 3.09
C PRO B 224 -24.36 37.93 1.63
N TRP B 225 -25.34 37.81 0.73
CA TRP B 225 -25.06 37.54 -0.67
C TRP B 225 -25.65 38.55 -1.64
N HIS B 226 -25.14 38.53 -2.87
CA HIS B 226 -25.57 39.37 -3.98
C HIS B 226 -25.39 38.58 -5.27
N PRO B 234 -24.21 48.70 -4.41
CA PRO B 234 -24.62 47.28 -4.31
C PRO B 234 -25.69 47.03 -3.23
N HIS B 235 -26.44 45.92 -3.38
CA HIS B 235 -27.53 45.52 -2.48
C HIS B 235 -27.30 44.09 -1.96
N TRP B 236 -27.11 43.96 -0.63
CA TRP B 236 -26.85 42.68 0.03
C TRP B 236 -28.12 42.05 0.61
N ASN B 237 -28.25 40.72 0.42
CA ASN B 237 -29.34 39.91 0.97
C ASN B 237 -28.80 39.12 2.14
N ASN B 238 -29.64 38.81 3.14
CA ASN B 238 -29.26 38.08 4.36
C ASN B 238 -28.10 38.77 5.10
N LYS B 239 -28.23 40.11 5.28
CA LYS B 239 -27.26 40.96 6.00
C LYS B 239 -27.19 40.58 7.48
N GLU B 240 -28.25 39.93 7.96
CA GLU B 240 -28.43 39.45 9.33
C GLU B 240 -27.38 38.38 9.71
N ALA B 241 -26.73 37.76 8.70
CA ALA B 241 -25.71 36.71 8.88
C ALA B 241 -24.41 37.25 9.50
N LEU B 242 -24.10 38.54 9.30
CA LEU B 242 -22.90 39.19 9.83
C LEU B 242 -23.24 40.27 10.87
N VAL B 243 -24.52 40.43 11.20
CA VAL B 243 -24.99 41.44 12.16
C VAL B 243 -25.73 40.78 13.34
N GLU B 244 -25.24 41.06 14.57
CA GLU B 244 -25.78 40.52 15.83
C GLU B 244 -26.65 41.56 16.58
N PHE B 245 -27.96 41.29 16.71
CA PHE B 245 -28.90 42.14 17.45
C PHE B 245 -29.16 41.53 18.83
N LYS B 246 -28.65 42.19 19.89
CA LYS B 246 -28.79 41.68 21.26
C LYS B 246 -29.79 42.48 22.11
N ASP B 247 -30.56 41.77 22.94
CA ASP B 247 -31.54 42.39 23.85
C ASP B 247 -30.97 42.37 25.27
N ALA B 248 -30.61 43.56 25.78
CA ALA B 248 -30.01 43.72 27.10
C ALA B 248 -31.05 43.98 28.21
N HIS B 249 -31.52 42.87 28.84
CA HIS B 249 -32.49 42.85 29.96
C HIS B 249 -33.81 43.62 29.67
N ALA B 250 -34.32 43.54 28.40
CA ALA B 250 -35.54 44.22 27.92
C ALA B 250 -35.53 45.75 28.22
N LYS B 251 -34.32 46.35 28.21
CA LYS B 251 -34.07 47.76 28.51
C LYS B 251 -33.58 48.53 27.30
N ARG B 252 -32.87 47.83 26.38
CA ARG B 252 -32.30 48.40 25.16
C ARG B 252 -31.90 47.31 24.17
N GLN B 253 -31.86 47.64 22.87
CA GLN B 253 -31.44 46.72 21.83
C GLN B 253 -30.12 47.21 21.26
N THR B 254 -29.09 46.33 21.26
CA THR B 254 -27.76 46.64 20.72
C THR B 254 -27.56 45.99 19.35
N VAL B 255 -26.63 46.56 18.56
CA VAL B 255 -26.28 46.06 17.23
C VAL B 255 -24.76 46.05 17.10
N VAL B 256 -24.20 44.87 16.83
CA VAL B 256 -22.76 44.71 16.66
C VAL B 256 -22.46 43.81 15.47
N VAL B 257 -21.47 44.19 14.66
CA VAL B 257 -21.04 43.42 13.49
C VAL B 257 -20.17 42.24 13.96
N LEU B 258 -20.40 41.04 13.37
CA LEU B 258 -19.73 39.79 13.72
C LEU B 258 -18.21 39.71 13.43
N GLY B 259 -17.75 40.36 12.36
CA GLY B 259 -16.33 40.35 12.00
C GLY B 259 -15.98 39.33 10.94
N SER B 260 -14.71 39.39 10.44
CA SER B 260 -14.17 38.54 9.36
C SER B 260 -14.44 37.05 9.49
N GLN B 261 -15.02 36.47 8.43
CA GLN B 261 -15.38 35.07 8.33
C GLN B 261 -14.46 34.26 7.41
N GLU B 262 -13.41 34.90 6.79
CA GLU B 262 -12.53 34.21 5.85
C GLU B 262 -11.88 32.93 6.41
N GLY B 263 -11.52 32.95 7.69
CA GLY B 263 -10.94 31.80 8.37
C GLY B 263 -11.92 30.65 8.50
N ALA B 264 -13.19 30.97 8.83
CA ALA B 264 -14.29 30.01 8.96
C ALA B 264 -14.67 29.44 7.59
N VAL B 265 -14.60 30.27 6.53
CA VAL B 265 -14.85 29.85 5.15
C VAL B 265 -13.72 28.89 4.72
N HIS B 266 -12.45 29.26 5.04
CA HIS B 266 -11.24 28.47 4.76
C HIS B 266 -11.37 27.06 5.34
N THR B 267 -11.75 26.96 6.63
CA THR B 267 -11.94 25.68 7.32
C THR B 267 -13.10 24.89 6.75
N ALA B 268 -14.16 25.60 6.29
CA ALA B 268 -15.32 24.98 5.63
C ALA B 268 -14.93 24.45 4.24
N LEU B 269 -13.79 24.93 3.69
CA LEU B 269 -13.24 24.48 2.41
C LEU B 269 -12.19 23.37 2.66
N ALA B 270 -12.46 22.48 3.63
CA ALA B 270 -11.58 21.37 3.99
C ALA B 270 -11.63 20.28 2.92
N GLY B 271 -10.51 20.07 2.25
CA GLY B 271 -10.37 19.07 1.19
C GLY B 271 -10.76 19.55 -0.19
N ALA B 272 -11.29 20.78 -0.29
CA ALA B 272 -11.70 21.39 -1.56
C ALA B 272 -10.50 21.63 -2.48
N LEU B 273 -10.69 21.38 -3.78
CA LEU B 273 -9.66 21.52 -4.82
C LEU B 273 -9.14 22.97 -4.87
N GLU B 274 -7.80 23.14 -4.84
CA GLU B 274 -7.13 24.44 -4.88
C GLU B 274 -6.88 24.89 -6.33
N ALA B 275 -6.58 26.19 -6.53
CA ALA B 275 -6.32 26.77 -7.84
C ALA B 275 -5.40 28.01 -7.77
N GLU B 276 -4.73 28.33 -8.89
CA GLU B 276 -3.80 29.48 -9.03
C GLU B 276 -4.41 30.55 -9.96
N MET B 277 -3.65 31.63 -10.23
CA MET B 277 -4.11 32.75 -11.06
C MET B 277 -3.08 33.16 -12.13
N ASP B 278 -3.56 33.85 -13.18
CA ASP B 278 -2.75 34.39 -14.29
C ASP B 278 -3.30 35.78 -14.73
N GLY B 279 -4.00 36.46 -13.82
CA GLY B 279 -4.59 37.76 -14.06
C GLY B 279 -6.02 37.69 -14.55
N ALA B 280 -6.24 37.00 -15.69
CA ALA B 280 -7.55 36.80 -16.31
C ALA B 280 -7.90 35.30 -16.42
N LYS B 281 -6.87 34.42 -16.35
CA LYS B 281 -7.00 32.96 -16.42
C LYS B 281 -6.76 32.31 -15.04
N GLY B 282 -7.48 31.23 -14.77
CA GLY B 282 -7.38 30.48 -13.52
C GLY B 282 -6.80 29.09 -13.70
N ARG B 283 -5.57 28.87 -13.20
CA ARG B 283 -4.86 27.59 -13.29
C ARG B 283 -5.42 26.55 -12.33
N LEU B 284 -5.73 25.35 -12.83
CA LEU B 284 -6.24 24.23 -12.03
C LEU B 284 -5.08 23.29 -11.67
N SER B 285 -4.92 23.02 -10.38
CA SER B 285 -3.84 22.18 -9.84
C SER B 285 -4.16 20.68 -9.80
N SER B 286 -5.42 20.29 -10.09
CA SER B 286 -5.85 18.90 -10.03
C SER B 286 -6.65 18.44 -11.27
N GLY B 287 -7.01 17.15 -11.32
CA GLY B 287 -7.78 16.56 -12.40
C GLY B 287 -6.95 15.72 -13.36
N HIS B 288 -7.64 14.96 -14.23
CA HIS B 288 -7.00 14.08 -15.22
C HIS B 288 -7.66 14.21 -16.60
N LEU B 289 -6.87 14.09 -17.68
CA LEU B 289 -7.38 14.18 -19.05
C LEU B 289 -7.16 12.89 -19.83
N LYS B 290 -8.26 12.22 -20.22
CA LYS B 290 -8.25 10.98 -21.00
C LYS B 290 -8.07 11.33 -22.48
N CYS B 291 -7.07 10.71 -23.14
CA CYS B 291 -6.74 10.96 -24.55
C CYS B 291 -6.49 9.70 -25.37
N ARG B 292 -6.50 9.87 -26.70
CA ARG B 292 -6.20 8.86 -27.71
C ARG B 292 -5.06 9.40 -28.56
N LEU B 293 -3.97 8.62 -28.72
CA LEU B 293 -2.80 9.02 -29.50
C LEU B 293 -2.74 8.31 -30.85
N LYS B 294 -2.66 9.08 -31.95
CA LYS B 294 -2.57 8.56 -33.31
C LYS B 294 -1.10 8.32 -33.71
N MET B 295 -0.60 7.13 -33.40
CA MET B 295 0.79 6.69 -33.64
C MET B 295 1.13 6.55 -35.14
N ASP B 296 0.10 6.34 -35.99
CA ASP B 296 0.15 6.13 -37.45
C ASP B 296 1.22 6.96 -38.20
N LYS B 297 1.26 8.29 -37.95
CA LYS B 297 2.18 9.21 -38.64
C LYS B 297 3.58 9.36 -37.99
N LEU B 298 3.85 8.68 -36.85
CA LEU B 298 5.18 8.73 -36.21
C LEU B 298 6.17 7.87 -36.98
N ARG B 299 7.38 8.39 -37.20
CA ARG B 299 8.41 7.67 -37.94
C ARG B 299 9.74 7.69 -37.21
N LEU B 300 10.56 6.65 -37.42
CA LEU B 300 11.88 6.59 -36.84
C LEU B 300 12.81 7.49 -37.63
N LYS B 301 13.81 8.04 -36.96
CA LYS B 301 14.81 8.86 -37.63
C LYS B 301 16.10 8.04 -37.77
N GLY B 302 16.66 8.02 -38.98
CA GLY B 302 17.93 7.37 -39.24
C GLY B 302 17.93 5.91 -39.64
N VAL B 303 16.82 5.42 -40.21
CA VAL B 303 16.75 4.03 -40.68
C VAL B 303 17.76 3.78 -41.84
N SER B 304 18.06 4.84 -42.62
CA SER B 304 19.00 4.83 -43.75
C SER B 304 20.44 5.23 -43.36
N TYR B 305 20.68 5.59 -42.07
CA TYR B 305 22.01 6.00 -41.58
C TYR B 305 22.94 4.80 -41.44
N SER B 306 24.25 5.08 -41.34
CA SER B 306 25.28 4.07 -41.10
C SER B 306 25.45 3.97 -39.58
N LEU B 307 26.18 2.96 -39.09
CA LEU B 307 26.41 2.76 -37.66
C LEU B 307 27.57 3.63 -37.15
N CYS B 308 27.45 4.18 -35.91
CA CYS B 308 28.50 4.99 -35.28
C CYS B 308 29.71 4.11 -34.99
N THR B 309 30.79 4.28 -35.79
CA THR B 309 32.01 3.47 -35.77
C THR B 309 33.04 3.86 -34.68
N ALA B 310 33.12 5.15 -34.29
CA ALA B 310 34.12 5.59 -33.32
C ALA B 310 33.76 5.24 -31.86
N ALA B 311 34.64 5.59 -30.90
CA ALA B 311 34.47 5.25 -29.50
C ALA B 311 33.55 6.17 -28.70
N PHE B 312 32.76 5.55 -27.82
CA PHE B 312 31.88 6.22 -26.87
C PHE B 312 32.57 6.13 -25.50
N THR B 313 32.26 7.06 -24.60
CA THR B 313 32.79 7.09 -23.23
C THR B 313 31.71 7.57 -22.29
N PHE B 314 31.61 6.96 -21.09
CA PHE B 314 30.65 7.40 -20.08
C PHE B 314 31.16 8.71 -19.47
N THR B 315 30.31 9.75 -19.46
CA THR B 315 30.65 11.06 -18.90
C THR B 315 30.52 11.01 -17.37
N LYS B 316 29.72 10.05 -16.87
CA LYS B 316 29.43 9.82 -15.45
C LYS B 316 28.93 8.39 -15.27
N ILE B 317 28.92 7.88 -14.03
CA ILE B 317 28.45 6.51 -13.78
C ILE B 317 26.94 6.38 -14.02
N PRO B 318 26.48 5.29 -14.71
CA PRO B 318 25.02 5.11 -14.92
C PRO B 318 24.25 5.18 -13.60
N ALA B 319 23.05 5.78 -13.63
CA ALA B 319 22.23 5.93 -12.44
C ALA B 319 20.85 5.31 -12.62
N GLU B 320 20.33 4.74 -11.53
CA GLU B 320 19.01 4.14 -11.49
C GLU B 320 18.00 5.22 -11.18
N THR B 321 16.88 5.21 -11.92
CA THR B 321 15.78 6.15 -11.74
C THR B 321 14.80 5.58 -10.69
N LEU B 322 13.73 6.33 -10.38
CA LEU B 322 12.72 5.93 -9.42
C LEU B 322 11.98 4.67 -9.87
N HIS B 323 11.84 4.47 -11.19
CA HIS B 323 11.11 3.33 -11.74
C HIS B 323 12.00 2.14 -12.15
N GLY B 324 13.26 2.15 -11.70
CA GLY B 324 14.19 1.05 -11.94
C GLY B 324 14.88 1.02 -13.30
N THR B 325 14.60 2.01 -14.15
CA THR B 325 15.25 2.12 -15.45
C THR B 325 16.64 2.72 -15.24
N VAL B 326 17.59 2.41 -16.11
CA VAL B 326 18.95 2.93 -15.97
C VAL B 326 19.21 4.04 -17.00
N THR B 327 19.69 5.17 -16.51
CA THR B 327 19.95 6.32 -17.36
C THR B 327 21.47 6.52 -17.54
N VAL B 328 21.92 6.69 -18.80
CA VAL B 328 23.33 6.87 -19.14
C VAL B 328 23.59 8.13 -19.97
N GLU B 329 24.73 8.78 -19.75
CA GLU B 329 25.18 9.88 -20.58
C GLU B 329 26.51 9.48 -21.21
N VAL B 330 26.56 9.51 -22.53
CA VAL B 330 27.75 9.13 -23.27
C VAL B 330 28.24 10.26 -24.16
N GLN B 331 29.56 10.32 -24.34
CA GLN B 331 30.20 11.28 -25.23
C GLN B 331 30.70 10.45 -26.43
N TYR B 332 30.60 10.99 -27.66
CA TYR B 332 31.01 10.29 -28.88
C TYR B 332 32.20 10.97 -29.58
N ALA B 333 33.32 10.25 -29.70
CA ALA B 333 34.57 10.76 -30.27
C ALA B 333 34.57 10.96 -31.80
N GLY B 334 33.61 10.35 -32.49
CA GLY B 334 33.52 10.37 -33.95
C GLY B 334 32.87 11.58 -34.61
N THR B 335 33.22 11.78 -35.88
CA THR B 335 32.75 12.87 -36.74
C THR B 335 31.99 12.33 -38.00
N ASP B 336 31.57 11.05 -37.96
CA ASP B 336 30.83 10.38 -39.03
C ASP B 336 29.28 10.51 -38.84
N GLY B 337 28.87 11.49 -38.04
CA GLY B 337 27.46 11.78 -37.78
C GLY B 337 26.80 12.54 -38.92
N PRO B 338 25.49 12.35 -39.18
CA PRO B 338 24.52 11.52 -38.45
C PRO B 338 24.72 10.01 -38.61
N CYS B 339 24.63 9.26 -37.48
CA CYS B 339 24.78 7.80 -37.47
C CYS B 339 23.88 7.10 -36.43
N LYS B 340 23.78 5.76 -36.50
CA LYS B 340 22.98 4.93 -35.59
C LYS B 340 23.83 4.60 -34.36
N VAL B 341 23.32 4.89 -33.15
CA VAL B 341 24.04 4.60 -31.91
C VAL B 341 23.91 3.11 -31.52
N PRO B 342 25.02 2.32 -31.49
CA PRO B 342 24.90 0.93 -31.02
C PRO B 342 24.78 0.91 -29.50
N ALA B 343 23.62 0.50 -29.01
CA ALA B 343 23.32 0.46 -27.58
C ALA B 343 22.37 -0.68 -27.31
N GLN B 344 22.67 -1.44 -26.25
CA GLN B 344 21.87 -2.60 -25.81
C GLN B 344 22.30 -3.05 -24.43
N MET B 345 21.72 -4.17 -23.97
CA MET B 345 22.10 -4.87 -22.77
C MET B 345 22.27 -6.33 -23.09
N ALA B 346 23.25 -6.96 -22.45
CA ALA B 346 23.52 -8.37 -22.67
C ALA B 346 23.87 -9.04 -21.37
N VAL B 347 23.47 -10.31 -21.22
CA VAL B 347 23.76 -11.07 -20.01
C VAL B 347 25.15 -11.78 -20.16
N ASP B 348 25.51 -12.21 -21.39
CA ASP B 348 26.81 -12.82 -21.69
C ASP B 348 27.56 -12.01 -22.78
N MET B 349 28.83 -11.69 -22.51
CA MET B 349 29.64 -10.86 -23.39
C MET B 349 30.14 -11.55 -24.66
N GLN B 350 30.05 -12.89 -24.71
CA GLN B 350 30.49 -13.65 -25.88
C GLN B 350 29.54 -13.48 -27.08
N THR B 351 28.28 -13.92 -26.97
CA THR B 351 27.30 -13.84 -28.06
C THR B 351 26.60 -12.48 -28.16
N LEU B 352 26.62 -11.69 -27.05
CA LEU B 352 26.00 -10.36 -26.95
C LEU B 352 24.52 -10.31 -27.40
N THR B 353 23.73 -11.34 -26.99
CA THR B 353 22.31 -11.43 -27.31
C THR B 353 21.55 -10.37 -26.50
N PRO B 354 20.75 -9.50 -27.18
CA PRO B 354 20.05 -8.42 -26.46
C PRO B 354 19.04 -8.90 -25.41
N VAL B 355 19.17 -8.33 -24.20
CA VAL B 355 18.29 -8.55 -23.05
C VAL B 355 17.68 -7.19 -22.68
N GLY B 356 16.48 -7.21 -22.09
CA GLY B 356 15.76 -5.99 -21.72
C GLY B 356 15.37 -5.17 -22.94
N ARG B 357 15.25 -3.84 -22.77
CA ARG B 357 14.88 -2.96 -23.88
C ARG B 357 15.39 -1.53 -23.68
N LEU B 358 15.34 -0.73 -24.74
CA LEU B 358 15.72 0.68 -24.72
C LEU B 358 14.46 1.55 -24.64
N ILE B 359 14.41 2.47 -23.67
CA ILE B 359 13.31 3.42 -23.57
C ILE B 359 13.58 4.51 -24.60
N THR B 360 14.85 4.97 -24.72
CA THR B 360 15.27 5.90 -25.77
C THR B 360 15.51 5.04 -27.01
N ALA B 361 14.41 4.55 -27.60
CA ALA B 361 14.40 3.62 -28.74
C ALA B 361 15.07 4.18 -29.98
N ASN B 362 15.81 3.30 -30.68
CA ASN B 362 16.56 3.56 -31.90
C ASN B 362 17.35 4.90 -31.82
N PRO B 363 18.34 5.00 -30.89
CA PRO B 363 19.08 6.26 -30.74
C PRO B 363 19.98 6.60 -31.93
N VAL B 364 19.98 7.88 -32.32
CA VAL B 364 20.78 8.38 -33.44
C VAL B 364 21.53 9.65 -33.07
N ILE B 365 22.80 9.75 -33.50
CA ILE B 365 23.61 10.96 -33.32
C ILE B 365 23.34 11.84 -34.55
N THR B 366 22.94 13.10 -34.34
CA THR B 366 22.61 14.04 -35.43
C THR B 366 23.76 14.96 -35.73
N GLU B 367 24.57 15.30 -34.71
CA GLU B 367 25.73 16.18 -34.83
C GLU B 367 26.84 15.58 -35.69
N SER B 368 27.39 16.38 -36.62
CA SER B 368 28.50 15.96 -37.48
C SER B 368 29.83 16.25 -36.79
N THR B 369 29.80 17.05 -35.70
CA THR B 369 30.97 17.47 -34.92
C THR B 369 31.33 16.46 -33.82
N GLU B 370 32.64 16.35 -33.53
CA GLU B 370 33.14 15.41 -32.52
C GLU B 370 32.79 15.79 -31.06
N ASN B 371 32.94 14.79 -30.15
CA ASN B 371 32.72 14.87 -28.71
C ASN B 371 31.34 15.43 -28.32
N SER B 372 30.29 15.10 -29.12
CA SER B 372 28.92 15.47 -28.82
C SER B 372 28.40 14.45 -27.81
N LYS B 373 27.41 14.84 -26.98
CA LYS B 373 26.86 13.98 -25.96
C LYS B 373 25.44 13.56 -26.27
N MET B 374 24.99 12.50 -25.61
CA MET B 374 23.64 11.95 -25.75
C MET B 374 23.23 11.19 -24.52
N MET B 375 21.94 11.26 -24.19
CA MET B 375 21.41 10.53 -23.05
C MET B 375 20.48 9.45 -23.47
N LEU B 376 20.72 8.25 -22.92
CA LEU B 376 19.93 7.06 -23.19
C LEU B 376 19.29 6.54 -21.94
N GLU B 377 18.11 5.92 -22.09
CA GLU B 377 17.40 5.28 -21.00
C GLU B 377 17.14 3.83 -21.38
N LEU B 378 17.62 2.92 -20.54
CA LEU B 378 17.49 1.48 -20.75
C LEU B 378 16.62 0.89 -19.67
N ASP B 379 15.85 -0.15 -20.02
CA ASP B 379 14.99 -0.90 -19.11
C ASP B 379 15.68 -2.25 -18.93
N PRO B 380 16.57 -2.37 -17.91
CA PRO B 380 17.33 -3.62 -17.75
C PRO B 380 16.51 -4.81 -17.25
N PRO B 381 16.90 -6.07 -17.58
CA PRO B 381 16.17 -7.22 -17.04
C PRO B 381 16.45 -7.39 -15.56
N PHE B 382 15.68 -8.21 -14.86
CA PHE B 382 15.91 -8.43 -13.44
C PHE B 382 17.14 -9.28 -13.19
N GLY B 383 17.95 -8.83 -12.25
CA GLY B 383 19.19 -9.50 -11.88
C GLY B 383 20.40 -8.85 -12.53
N ASP B 384 21.40 -9.68 -12.87
CA ASP B 384 22.65 -9.21 -13.47
C ASP B 384 22.59 -9.16 -15.00
N SER B 385 23.16 -8.06 -15.56
CA SER B 385 23.28 -7.79 -16.99
C SER B 385 24.36 -6.71 -17.22
N TYR B 386 24.74 -6.47 -18.47
CA TYR B 386 25.73 -5.45 -18.80
C TYR B 386 25.15 -4.42 -19.74
N ILE B 387 25.53 -3.15 -19.57
CA ILE B 387 25.16 -2.05 -20.47
C ILE B 387 26.25 -2.05 -21.55
N VAL B 388 25.87 -2.25 -22.83
CA VAL B 388 26.86 -2.30 -23.91
C VAL B 388 26.64 -1.16 -24.92
N ILE B 389 27.53 -0.16 -24.93
CA ILE B 389 27.47 0.98 -25.86
C ILE B 389 28.66 0.88 -26.82
N GLY B 390 28.37 0.91 -28.12
CA GLY B 390 29.41 0.81 -29.15
C GLY B 390 29.64 -0.61 -29.62
N VAL B 391 30.58 -0.76 -30.57
CA VAL B 391 30.91 -2.07 -31.18
C VAL B 391 32.43 -2.32 -31.22
N GLY B 392 32.82 -3.59 -31.28
CA GLY B 392 34.21 -4.02 -31.36
C GLY B 392 35.00 -3.85 -30.08
N GLU B 393 36.33 -3.69 -30.21
CA GLU B 393 37.24 -3.53 -29.07
C GLU B 393 36.98 -2.20 -28.33
N LYS B 394 36.63 -1.15 -29.09
CA LYS B 394 36.36 0.19 -28.58
C LYS B 394 35.02 0.34 -27.82
N LYS B 395 34.18 -0.72 -27.77
CA LYS B 395 32.89 -0.69 -27.07
C LYS B 395 33.04 -0.52 -25.54
N ILE B 396 32.06 0.13 -24.91
CA ILE B 396 32.08 0.35 -23.45
C ILE B 396 31.02 -0.50 -22.75
N THR B 397 31.41 -1.05 -21.60
CA THR B 397 30.60 -1.93 -20.80
C THR B 397 30.46 -1.41 -19.37
N HIS B 398 29.33 -1.75 -18.72
CA HIS B 398 29.08 -1.45 -17.32
C HIS B 398 28.15 -2.50 -16.73
N HIS B 399 28.60 -3.19 -15.66
CA HIS B 399 27.78 -4.22 -15.01
C HIS B 399 26.61 -3.57 -14.29
N TRP B 400 25.44 -4.20 -14.37
CA TRP B 400 24.23 -3.70 -13.75
C TRP B 400 23.42 -4.77 -13.02
N HIS B 401 22.87 -4.41 -11.85
CA HIS B 401 22.03 -5.28 -11.04
C HIS B 401 20.70 -4.58 -10.74
N ARG B 402 19.57 -5.19 -11.18
CA ARG B 402 18.22 -4.66 -10.94
C ARG B 402 17.51 -5.51 -9.89
N SER B 403 17.07 -4.85 -8.77
CA SER B 403 16.33 -5.43 -7.63
C SER B 403 17.02 -6.65 -7.01
N GLY B 437 15.34 -5.05 -28.52
CA GLY B 437 14.19 -4.22 -28.16
C GLY B 437 14.53 -2.74 -28.11
N GLY B 438 14.37 -2.07 -29.24
CA GLY B 438 14.69 -0.65 -29.38
C GLY B 438 16.13 -0.42 -29.80
N SER B 439 16.92 -1.51 -29.92
CA SER B 439 18.33 -1.47 -30.32
C SER B 439 18.48 -1.61 -31.83
N TRP B 440 19.48 -0.93 -32.39
CA TRP B 440 19.78 -1.03 -33.80
C TRP B 440 20.55 -2.32 -34.03
N SER B 441 20.12 -3.12 -35.02
CA SER B 441 20.85 -4.35 -35.37
C SER B 441 22.10 -3.95 -36.16
N HIS B 442 23.15 -4.79 -36.11
CA HIS B 442 24.42 -4.53 -36.79
C HIS B 442 25.19 -5.83 -37.04
N PRO B 443 26.19 -5.88 -37.97
CA PRO B 443 26.96 -7.12 -38.16
C PRO B 443 27.88 -7.44 -36.99
N GLU C 1 -6.00 -45.11 21.24
CA GLU C 1 -6.10 -45.34 19.79
C GLU C 1 -7.26 -44.56 19.19
N VAL C 2 -7.06 -44.04 17.97
CA VAL C 2 -8.06 -43.27 17.22
C VAL C 2 -9.14 -44.25 16.69
N GLN C 3 -10.42 -44.01 17.09
CA GLN C 3 -11.55 -44.88 16.72
C GLN C 3 -12.81 -44.13 16.32
N LEU C 4 -13.62 -44.77 15.46
CA LEU C 4 -14.93 -44.32 15.00
C LEU C 4 -15.88 -45.51 15.11
N VAL C 5 -16.81 -45.45 16.07
CA VAL C 5 -17.77 -46.53 16.29
C VAL C 5 -19.14 -46.04 15.85
N GLU C 6 -19.67 -46.61 14.77
CA GLU C 6 -20.96 -46.20 14.26
C GLU C 6 -22.12 -47.15 14.64
N SER C 7 -23.36 -46.67 14.43
CA SER C 7 -24.61 -47.37 14.70
C SER C 7 -25.78 -46.62 14.04
N GLY C 8 -26.98 -47.16 14.17
CA GLY C 8 -28.20 -46.56 13.62
C GLY C 8 -28.76 -47.30 12.43
N GLY C 9 -27.96 -48.21 11.86
CA GLY C 9 -28.35 -49.03 10.72
C GLY C 9 -29.52 -49.94 11.03
N GLY C 10 -30.26 -50.30 9.99
CA GLY C 10 -31.40 -51.18 10.14
C GLY C 10 -32.24 -51.32 8.89
N LEU C 11 -33.32 -52.12 9.01
CA LEU C 11 -34.27 -52.37 7.93
C LEU C 11 -35.34 -51.28 7.99
N VAL C 12 -35.61 -50.64 6.83
CA VAL C 12 -36.59 -49.57 6.72
C VAL C 12 -37.43 -49.71 5.43
N GLN C 13 -38.60 -49.04 5.39
CA GLN C 13 -39.54 -49.05 4.27
C GLN C 13 -39.24 -47.90 3.28
N PRO C 14 -39.63 -48.00 1.99
CA PRO C 14 -39.39 -46.89 1.05
C PRO C 14 -40.20 -45.66 1.43
N GLY C 15 -39.51 -44.54 1.57
CA GLY C 15 -40.09 -43.26 1.99
C GLY C 15 -39.97 -43.04 3.48
N GLY C 16 -39.35 -44.02 4.16
CA GLY C 16 -39.13 -44.01 5.60
C GLY C 16 -37.91 -43.22 6.03
N SER C 17 -37.74 -43.09 7.35
CA SER C 17 -36.63 -42.34 7.95
C SER C 17 -35.75 -43.19 8.84
N LEU C 18 -34.49 -42.77 9.00
CA LEU C 18 -33.48 -43.44 9.83
C LEU C 18 -32.40 -42.42 10.23
N ARG C 19 -31.77 -42.61 11.39
CA ARG C 19 -30.70 -41.72 11.83
C ARG C 19 -29.45 -42.53 12.20
N LEU C 20 -28.34 -42.23 11.53
CA LEU C 20 -27.06 -42.90 11.80
C LEU C 20 -26.24 -42.08 12.78
N SER C 21 -25.49 -42.76 13.63
CA SER C 21 -24.60 -42.15 14.61
C SER C 21 -23.20 -42.66 14.38
N CYS C 22 -22.20 -41.87 14.78
CA CYS C 22 -20.79 -42.24 14.67
C CYS C 22 -20.03 -41.60 15.83
N SER C 23 -19.79 -42.38 16.90
CA SER C 23 -19.07 -41.95 18.09
C SER C 23 -17.57 -41.96 17.84
N ALA C 24 -16.87 -40.90 18.27
CA ALA C 24 -15.43 -40.73 18.07
C ALA C 24 -14.65 -40.74 19.39
N SER C 25 -13.43 -41.32 19.35
CA SER C 25 -12.54 -41.41 20.52
C SER C 25 -11.08 -41.50 20.09
N GLY C 26 -10.19 -41.03 20.97
CA GLY C 26 -8.74 -41.06 20.75
C GLY C 26 -8.18 -39.82 20.09
N PHE C 27 -9.03 -38.81 19.83
CA PHE C 27 -8.62 -37.56 19.19
C PHE C 27 -9.57 -36.40 19.50
N THR C 28 -9.11 -35.15 19.26
CA THR C 28 -9.92 -33.94 19.41
C THR C 28 -10.85 -33.94 18.19
N PHE C 29 -12.15 -34.21 18.43
CA PHE C 29 -13.19 -34.33 17.40
C PHE C 29 -13.32 -33.10 16.49
N SER C 30 -13.30 -31.89 17.08
CA SER C 30 -13.41 -30.60 16.38
C SER C 30 -12.30 -30.34 15.34
N THR C 31 -11.15 -31.03 15.46
CA THR C 31 -10.01 -30.83 14.55
C THR C 31 -10.14 -31.70 13.28
N TYR C 32 -11.14 -32.59 13.25
CA TYR C 32 -11.37 -33.51 12.14
C TYR C 32 -12.59 -33.16 11.32
N SER C 33 -12.46 -33.20 9.99
CA SER C 33 -13.59 -33.07 9.09
C SER C 33 -14.17 -34.49 9.03
N MET C 34 -15.50 -34.60 9.00
CA MET C 34 -16.18 -35.90 8.99
C MET C 34 -16.93 -36.07 7.68
N HIS C 35 -16.90 -37.29 7.15
CA HIS C 35 -17.47 -37.63 5.84
C HIS C 35 -18.27 -38.94 5.90
N TRP C 36 -19.24 -39.08 4.99
CA TRP C 36 -20.00 -40.31 4.86
C TRP C 36 -19.74 -40.90 3.49
N VAL C 37 -19.32 -42.17 3.47
CA VAL C 37 -19.03 -42.95 2.26
C VAL C 37 -19.94 -44.18 2.31
N ARG C 38 -20.59 -44.54 1.19
CA ARG C 38 -21.47 -45.70 1.16
C ARG C 38 -21.08 -46.71 0.08
N GLN C 39 -21.47 -47.99 0.27
CA GLN C 39 -21.24 -49.05 -0.70
C GLN C 39 -22.50 -49.90 -0.87
N ALA C 40 -23.17 -49.73 -2.02
CA ALA C 40 -24.37 -50.49 -2.37
C ALA C 40 -23.98 -51.93 -2.72
N PRO C 41 -24.85 -52.96 -2.51
CA PRO C 41 -24.44 -54.33 -2.87
C PRO C 41 -24.04 -54.45 -4.35
N GLY C 42 -22.86 -55.03 -4.58
CA GLY C 42 -22.29 -55.24 -5.90
C GLY C 42 -21.71 -54.00 -6.57
N LYS C 43 -21.73 -52.85 -5.87
CA LYS C 43 -21.20 -51.59 -6.39
C LYS C 43 -19.91 -51.20 -5.64
N GLY C 44 -19.24 -50.14 -6.09
CA GLY C 44 -18.02 -49.64 -5.46
C GLY C 44 -18.31 -48.65 -4.34
N LEU C 45 -17.25 -47.97 -3.85
CA LEU C 45 -17.38 -46.96 -2.82
C LEU C 45 -17.92 -45.66 -3.40
N GLU C 46 -18.80 -44.97 -2.67
CA GLU C 46 -19.38 -43.71 -3.10
C GLU C 46 -19.30 -42.65 -2.01
N TYR C 47 -18.66 -41.52 -2.31
CA TYR C 47 -18.54 -40.38 -1.42
C TYR C 47 -19.87 -39.62 -1.52
N VAL C 48 -20.60 -39.45 -0.38
CA VAL C 48 -21.93 -38.83 -0.41
C VAL C 48 -22.04 -37.52 0.39
N SER C 49 -21.29 -37.38 1.50
CA SER C 49 -21.47 -36.22 2.36
C SER C 49 -20.23 -35.84 3.15
N ALA C 50 -20.16 -34.58 3.61
CA ALA C 50 -19.05 -34.05 4.40
C ALA C 50 -19.47 -32.88 5.28
N ILE C 51 -18.76 -32.70 6.40
CA ILE C 51 -18.99 -31.61 7.34
C ILE C 51 -17.64 -31.12 7.87
N THR C 52 -17.50 -29.79 8.06
CA THR C 52 -16.28 -29.19 8.60
C THR C 52 -16.20 -29.50 10.11
N GLY C 53 -15.00 -29.41 10.68
CA GLY C 53 -14.72 -29.66 12.09
C GLY C 53 -15.60 -28.91 13.08
N GLU C 54 -15.92 -27.64 12.77
CA GLU C 54 -16.79 -26.82 13.62
C GLU C 54 -18.27 -27.09 13.35
N GLY C 55 -18.57 -27.79 12.25
CA GLY C 55 -19.94 -28.14 11.88
C GLY C 55 -20.74 -26.99 11.29
N ASP C 56 -20.04 -25.93 10.87
CA ASP C 56 -20.65 -24.73 10.32
C ASP C 56 -20.86 -24.78 8.79
N SER C 57 -20.38 -25.84 8.15
CA SER C 57 -20.53 -26.01 6.71
C SER C 57 -20.68 -27.49 6.37
N ALA C 58 -21.65 -27.82 5.48
CA ALA C 58 -21.93 -29.18 5.06
C ALA C 58 -21.97 -29.35 3.53
N PHE C 59 -21.54 -30.52 3.04
CA PHE C 59 -21.51 -30.87 1.63
C PHE C 59 -22.38 -32.10 1.39
N TYR C 60 -23.08 -32.13 0.24
CA TYR C 60 -23.93 -33.25 -0.14
C TYR C 60 -23.77 -33.58 -1.62
N ALA C 61 -23.64 -34.88 -1.95
CA ALA C 61 -23.55 -35.34 -3.33
C ALA C 61 -24.95 -35.27 -3.93
N ASP C 62 -25.06 -35.01 -5.26
CA ASP C 62 -26.35 -34.89 -5.95
C ASP C 62 -27.30 -36.09 -5.72
N SER C 63 -26.73 -37.26 -5.40
CA SER C 63 -27.46 -38.50 -5.14
C SER C 63 -28.26 -38.46 -3.83
N VAL C 64 -27.75 -37.76 -2.79
CA VAL C 64 -28.40 -37.68 -1.47
C VAL C 64 -28.95 -36.27 -1.14
N LYS C 65 -28.56 -35.26 -1.95
CA LYS C 65 -28.93 -33.84 -1.82
C LYS C 65 -30.43 -33.66 -1.61
N GLY C 66 -30.78 -32.95 -0.54
CA GLY C 66 -32.17 -32.65 -0.21
C GLY C 66 -32.81 -33.59 0.80
N ARG C 67 -32.58 -34.91 0.66
CA ARG C 67 -33.15 -35.95 1.52
C ARG C 67 -32.32 -36.20 2.80
N PHE C 68 -31.00 -36.30 2.65
CA PHE C 68 -30.11 -36.61 3.77
C PHE C 68 -29.52 -35.36 4.41
N THR C 69 -29.28 -35.41 5.73
CA THR C 69 -28.72 -34.30 6.50
C THR C 69 -27.57 -34.76 7.38
N ILE C 70 -26.40 -34.11 7.22
CA ILE C 70 -25.22 -34.39 8.04
C ILE C 70 -25.15 -33.32 9.14
N SER C 71 -24.76 -33.75 10.35
CA SER C 71 -24.66 -32.86 11.51
C SER C 71 -23.68 -33.45 12.52
N ARG C 72 -23.23 -32.64 13.49
CA ARG C 72 -22.28 -33.08 14.51
C ARG C 72 -22.44 -32.35 15.83
N ASP C 73 -22.12 -33.04 16.93
CA ASP C 73 -22.16 -32.50 18.28
C ASP C 73 -20.76 -32.69 18.86
N ASN C 74 -19.97 -31.61 18.89
CA ASN C 74 -18.60 -31.66 19.36
C ASN C 74 -18.47 -31.87 20.87
N SER C 75 -19.51 -31.52 21.65
CA SER C 75 -19.52 -31.77 23.08
C SER C 75 -19.81 -33.26 23.38
N LYS C 76 -20.52 -33.95 22.46
CA LYS C 76 -20.85 -35.38 22.56
C LYS C 76 -19.90 -36.28 21.74
N ASN C 77 -18.96 -35.66 20.98
CA ASN C 77 -17.97 -36.34 20.14
C ASN C 77 -18.64 -37.32 19.13
N THR C 78 -19.82 -36.94 18.61
CA THR C 78 -20.61 -37.78 17.71
C THR C 78 -21.00 -37.08 16.41
N LEU C 79 -21.02 -37.85 15.32
CA LEU C 79 -21.42 -37.44 13.96
C LEU C 79 -22.78 -38.09 13.68
N TYR C 80 -23.67 -37.34 13.01
CA TYR C 80 -25.01 -37.85 12.70
C TYR C 80 -25.31 -37.83 11.21
N PHE C 81 -26.24 -38.68 10.77
CA PHE C 81 -26.72 -38.73 9.39
C PHE C 81 -28.22 -39.03 9.34
N GLU C 82 -29.03 -37.96 9.31
CA GLU C 82 -30.49 -38.07 9.23
C GLU C 82 -30.86 -38.40 7.78
N MET C 83 -31.49 -39.55 7.56
CA MET C 83 -31.87 -39.98 6.22
C MET C 83 -33.38 -40.04 6.11
N ASN C 84 -33.96 -39.19 5.26
CA ASN C 84 -35.41 -39.12 5.01
C ASN C 84 -35.70 -39.49 3.56
N SER C 85 -36.97 -39.86 3.25
CA SER C 85 -37.42 -40.24 1.90
C SER C 85 -36.50 -41.29 1.25
N LEU C 86 -36.15 -42.34 2.02
CA LEU C 86 -35.24 -43.40 1.58
C LEU C 86 -35.79 -44.22 0.42
N ARG C 87 -34.96 -44.40 -0.62
CA ARG C 87 -35.29 -45.12 -1.84
C ARG C 87 -34.56 -46.49 -1.87
N PRO C 88 -35.00 -47.50 -2.66
CA PRO C 88 -34.26 -48.79 -2.68
C PRO C 88 -32.80 -48.64 -3.13
N GLU C 89 -32.49 -47.53 -3.82
CA GLU C 89 -31.15 -47.19 -4.33
C GLU C 89 -30.22 -46.75 -3.19
N ASP C 90 -30.80 -46.42 -2.02
CA ASP C 90 -30.05 -45.99 -0.83
C ASP C 90 -29.56 -47.18 0.01
N THR C 91 -29.97 -48.43 -0.35
CA THR C 91 -29.54 -49.66 0.34
C THR C 91 -28.03 -49.80 0.19
N ALA C 92 -27.29 -49.70 1.31
CA ALA C 92 -25.83 -49.76 1.32
C ALA C 92 -25.26 -49.89 2.73
N VAL C 93 -23.95 -50.23 2.81
CA VAL C 93 -23.16 -50.20 4.04
C VAL C 93 -22.64 -48.76 4.08
N TYR C 94 -22.94 -48.02 5.16
CA TYR C 94 -22.55 -46.62 5.33
C TYR C 94 -21.38 -46.52 6.31
N TYR C 95 -20.29 -45.86 5.89
CA TYR C 95 -19.09 -45.67 6.68
C TYR C 95 -18.88 -44.20 7.04
N CYS C 96 -18.51 -43.93 8.31
CA CYS C 96 -18.12 -42.57 8.67
C CYS C 96 -16.60 -42.50 8.56
N VAL C 97 -16.10 -41.46 7.90
CA VAL C 97 -14.67 -41.27 7.68
C VAL C 97 -14.30 -39.95 8.31
N GLY C 98 -13.17 -39.94 9.01
CA GLY C 98 -12.65 -38.75 9.65
C GLY C 98 -11.19 -38.56 9.31
N GLY C 99 -10.78 -37.30 9.22
CA GLY C 99 -9.39 -36.95 8.97
C GLY C 99 -9.07 -35.59 9.53
N TYR C 100 -7.90 -35.43 10.16
CA TYR C 100 -7.46 -34.13 10.68
C TYR C 100 -7.48 -33.13 9.54
N SER C 101 -8.13 -31.99 9.78
CA SER C 101 -8.31 -30.96 8.77
C SER C 101 -8.09 -29.58 9.37
N ASN C 102 -7.44 -28.69 8.62
CA ASN C 102 -7.25 -27.30 9.03
C ASN C 102 -7.79 -26.36 7.95
N PHE C 103 -8.45 -26.94 6.93
CA PHE C 103 -9.09 -26.22 5.82
C PHE C 103 -10.32 -26.98 5.36
N TYR C 104 -11.50 -26.50 5.76
CA TYR C 104 -12.82 -27.02 5.40
C TYR C 104 -12.94 -28.55 5.45
N TYR C 105 -13.05 -29.20 4.28
CA TYR C 105 -13.24 -30.65 4.17
C TYR C 105 -11.97 -31.42 3.77
N TYR C 106 -10.85 -30.71 3.53
CA TYR C 106 -9.61 -31.36 3.10
C TYR C 106 -8.94 -32.18 4.22
N TYR C 107 -8.44 -33.37 3.87
CA TYR C 107 -7.72 -34.29 4.76
C TYR C 107 -6.74 -35.10 3.92
N THR C 108 -5.67 -35.62 4.56
CA THR C 108 -4.69 -36.50 3.91
C THR C 108 -4.90 -37.89 4.51
N MET C 109 -4.49 -38.11 5.76
CA MET C 109 -4.69 -39.36 6.46
C MET C 109 -6.10 -39.42 7.04
N ASP C 110 -6.65 -40.63 7.20
CA ASP C 110 -8.01 -40.81 7.69
C ASP C 110 -8.20 -41.98 8.65
N VAL C 111 -9.40 -42.06 9.22
CA VAL C 111 -9.87 -43.12 10.11
C VAL C 111 -11.29 -43.51 9.65
N TRP C 112 -11.55 -44.81 9.53
CA TRP C 112 -12.85 -45.27 9.09
C TRP C 112 -13.62 -45.97 10.20
N GLY C 113 -14.94 -45.87 10.14
CA GLY C 113 -15.82 -46.60 11.05
C GLY C 113 -15.94 -48.04 10.57
N GLN C 114 -16.45 -48.94 11.40
CA GLN C 114 -16.61 -50.35 11.03
C GLN C 114 -17.66 -50.57 9.91
N GLY C 115 -18.58 -49.64 9.78
CA GLY C 115 -19.66 -49.68 8.80
C GLY C 115 -20.98 -50.14 9.39
N THR C 116 -22.08 -49.51 9.00
CA THR C 116 -23.42 -49.89 9.45
C THR C 116 -24.32 -50.12 8.22
N THR C 117 -25.14 -51.19 8.22
CA THR C 117 -25.99 -51.52 7.07
C THR C 117 -27.38 -50.92 7.17
N VAL C 118 -27.80 -50.24 6.07
CA VAL C 118 -29.11 -49.62 5.89
C VAL C 118 -29.80 -50.37 4.75
N THR C 119 -31.02 -50.89 5.01
CA THR C 119 -31.76 -51.66 4.01
C THR C 119 -33.13 -51.05 3.73
N VAL C 120 -33.43 -50.84 2.43
CA VAL C 120 -34.70 -50.30 1.94
C VAL C 120 -35.32 -51.36 1.01
N SER C 121 -36.55 -51.80 1.31
CA SER C 121 -37.21 -52.86 0.53
C SER C 121 -38.47 -52.38 -0.20
N GLU D 1 15.60 39.62 -27.35
CA GLU D 1 16.79 39.12 -26.67
C GLU D 1 16.63 39.16 -25.16
N VAL D 2 17.16 38.13 -24.47
CA VAL D 2 17.12 38.00 -23.02
C VAL D 2 18.13 38.99 -22.41
N GLN D 3 17.65 39.91 -21.55
CA GLN D 3 18.47 40.95 -20.93
C GLN D 3 18.20 41.19 -19.46
N LEU D 4 19.24 41.65 -18.74
CA LEU D 4 19.21 42.05 -17.33
C LEU D 4 19.92 43.39 -17.22
N VAL D 5 19.15 44.45 -16.95
CA VAL D 5 19.71 45.80 -16.85
C VAL D 5 19.63 46.22 -15.39
N GLU D 6 20.79 46.35 -14.75
CA GLU D 6 20.83 46.72 -13.35
C GLU D 6 21.17 48.20 -13.10
N SER D 7 20.94 48.66 -11.85
CA SER D 7 21.19 50.02 -11.38
C SER D 7 21.11 50.05 -9.84
N GLY D 8 21.36 51.21 -9.25
CA GLY D 8 21.30 51.40 -7.81
C GLY D 8 22.65 51.59 -7.16
N GLY D 9 23.71 51.29 -7.91
CA GLY D 9 25.08 51.43 -7.44
C GLY D 9 25.45 52.87 -7.14
N GLY D 10 26.43 53.05 -6.26
CA GLY D 10 26.90 54.37 -5.88
C GLY D 10 27.86 54.38 -4.73
N LEU D 11 28.30 55.59 -4.35
CA LEU D 11 29.21 55.83 -3.25
C LEU D 11 28.40 55.98 -1.96
N VAL D 12 28.77 55.23 -0.91
CA VAL D 12 28.08 55.22 0.37
C VAL D 12 29.08 55.21 1.55
N GLN D 13 28.59 55.59 2.75
CA GLN D 13 29.37 55.66 3.99
C GLN D 13 29.30 54.33 4.77
N PRO D 14 30.30 54.00 5.64
CA PRO D 14 30.21 52.75 6.42
C PRO D 14 29.05 52.80 7.41
N GLY D 15 28.20 51.78 7.35
CA GLY D 15 26.99 51.68 8.17
C GLY D 15 25.77 52.22 7.45
N GLY D 16 25.98 52.68 6.22
CA GLY D 16 24.94 53.25 5.37
C GLY D 16 24.13 52.22 4.61
N SER D 17 23.09 52.70 3.90
CA SER D 17 22.19 51.84 3.15
C SER D 17 22.15 52.18 1.67
N LEU D 18 21.80 51.18 0.84
CA LEU D 18 21.69 51.28 -0.62
C LEU D 18 20.74 50.21 -1.14
N ARG D 19 20.05 50.47 -2.26
CA ARG D 19 19.15 49.49 -2.86
C ARG D 19 19.49 49.29 -4.33
N LEU D 20 19.80 48.04 -4.71
CA LEU D 20 20.12 47.70 -6.09
C LEU D 20 18.88 47.18 -6.80
N SER D 21 18.75 47.50 -8.09
CA SER D 21 17.64 47.06 -8.93
C SER D 21 18.21 46.30 -10.09
N CYS D 22 17.41 45.39 -10.67
CA CYS D 22 17.80 44.61 -11.83
C CYS D 22 16.56 44.33 -12.68
N SER D 23 16.33 45.15 -13.72
CA SER D 23 15.19 45.02 -14.63
C SER D 23 15.44 43.90 -15.64
N ALA D 24 14.42 43.06 -15.87
CA ALA D 24 14.49 41.92 -16.77
C ALA D 24 13.58 42.06 -17.99
N SER D 25 14.05 41.56 -19.15
CA SER D 25 13.31 41.61 -20.42
C SER D 25 13.72 40.45 -21.34
N GLY D 26 12.80 40.05 -22.21
CA GLY D 26 13.03 38.99 -23.19
C GLY D 26 12.67 37.60 -22.73
N PHE D 27 12.12 37.48 -21.51
CA PHE D 27 11.72 36.19 -20.93
C PHE D 27 10.66 36.34 -19.83
N THR D 28 9.99 35.22 -19.49
CA THR D 28 9.02 35.15 -18.39
C THR D 28 9.86 35.16 -17.11
N PHE D 29 9.82 36.29 -16.38
CA PHE D 29 10.62 36.54 -15.17
C PHE D 29 10.42 35.49 -14.06
N SER D 30 9.16 35.10 -13.81
CA SER D 30 8.77 34.11 -12.80
C SER D 30 9.36 32.70 -13.00
N THR D 31 9.79 32.37 -14.24
CA THR D 31 10.37 31.06 -14.56
C THR D 31 11.87 30.99 -14.26
N TYR D 32 12.47 32.13 -13.89
CA TYR D 32 13.90 32.23 -13.62
C TYR D 32 14.22 32.45 -12.16
N SER D 33 15.21 31.72 -11.65
CA SER D 33 15.74 31.94 -10.30
C SER D 33 16.74 33.09 -10.50
N MET D 34 16.80 34.02 -9.55
CA MET D 34 17.68 35.18 -9.63
C MET D 34 18.72 35.13 -8.52
N HIS D 35 19.95 35.52 -8.86
CA HIS D 35 21.11 35.43 -7.97
C HIS D 35 21.94 36.71 -8.00
N TRP D 36 22.68 36.99 -6.90
CA TRP D 36 23.58 38.12 -6.85
C TRP D 36 25.00 37.58 -6.66
N VAL D 37 25.91 38.00 -7.54
CA VAL D 37 27.33 37.63 -7.54
C VAL D 37 28.11 38.95 -7.44
N ARG D 38 29.13 39.02 -6.59
CA ARG D 38 29.93 40.24 -6.46
C ARG D 38 31.42 40.00 -6.68
N GLN D 39 32.15 41.06 -7.07
CA GLN D 39 33.59 41.02 -7.27
C GLN D 39 34.26 42.24 -6.64
N ALA D 40 34.96 42.02 -5.53
CA ALA D 40 35.69 43.09 -4.83
C ALA D 40 36.95 43.46 -5.64
N PRO D 41 37.46 44.72 -5.58
CA PRO D 41 38.66 45.04 -6.38
C PRO D 41 39.84 44.13 -6.05
N GLY D 42 40.43 43.55 -7.10
CA GLY D 42 41.57 42.64 -6.99
C GLY D 42 41.24 41.23 -6.53
N LYS D 43 39.94 40.93 -6.29
CA LYS D 43 39.49 39.62 -5.84
C LYS D 43 38.70 38.90 -6.97
N GLY D 44 38.32 37.65 -6.75
CA GLY D 44 37.56 36.87 -7.71
C GLY D 44 36.06 37.05 -7.57
N LEU D 45 35.28 36.20 -8.26
CA LEU D 45 33.82 36.24 -8.19
C LEU D 45 33.34 35.57 -6.91
N GLU D 46 32.30 36.15 -6.29
CA GLU D 46 31.71 35.60 -5.06
C GLU D 46 30.20 35.51 -5.15
N TYR D 47 29.66 34.29 -4.98
CA TYR D 47 28.23 34.02 -4.95
C TYR D 47 27.72 34.45 -3.57
N VAL D 48 26.78 35.41 -3.50
CA VAL D 48 26.34 35.95 -2.20
C VAL D 48 24.83 35.77 -1.89
N SER D 49 23.95 35.67 -2.91
CA SER D 49 22.51 35.57 -2.66
C SER D 49 21.71 34.93 -3.79
N ALA D 50 20.51 34.41 -3.48
CA ALA D 50 19.63 33.77 -4.44
C ALA D 50 18.16 33.84 -4.01
N ILE D 51 17.25 33.83 -4.99
CA ILE D 51 15.81 33.85 -4.76
C ILE D 51 15.12 32.94 -5.80
N THR D 52 14.08 32.21 -5.37
CA THR D 52 13.32 31.34 -6.28
C THR D 52 12.44 32.21 -7.20
N GLY D 53 12.00 31.64 -8.32
CA GLY D 53 11.17 32.29 -9.32
C GLY D 53 9.91 32.97 -8.79
N GLU D 54 9.24 32.32 -7.82
CA GLU D 54 8.04 32.86 -7.20
C GLU D 54 8.36 33.86 -6.09
N GLY D 55 9.62 33.91 -5.67
CA GLY D 55 10.10 34.82 -4.63
C GLY D 55 9.70 34.42 -3.23
N ASP D 56 9.30 33.16 -3.05
CA ASP D 56 8.83 32.63 -1.77
C ASP D 56 9.95 32.03 -0.92
N SER D 57 11.18 31.98 -1.44
CA SER D 57 12.33 31.45 -0.72
C SER D 57 13.59 32.20 -1.13
N ALA D 58 14.43 32.57 -0.14
CA ALA D 58 15.68 33.31 -0.35
C ALA D 58 16.89 32.66 0.33
N PHE D 59 18.06 32.79 -0.29
CA PHE D 59 19.34 32.26 0.19
C PHE D 59 20.33 33.39 0.38
N TYR D 60 21.15 33.32 1.43
CA TYR D 60 22.18 34.31 1.73
C TYR D 60 23.48 33.64 2.18
N ALA D 61 24.62 34.10 1.63
CA ALA D 61 25.94 33.61 2.03
C ALA D 61 26.27 34.21 3.39
N ASP D 62 27.05 33.48 4.23
CA ASP D 62 27.44 33.91 5.58
C ASP D 62 28.04 35.31 5.63
N SER D 63 28.65 35.75 4.50
CA SER D 63 29.28 37.07 4.36
C SER D 63 28.28 38.23 4.36
N VAL D 64 27.07 38.02 3.81
CA VAL D 64 26.04 39.06 3.69
C VAL D 64 24.81 38.82 4.58
N LYS D 65 24.64 37.56 5.08
CA LYS D 65 23.52 37.11 5.91
C LYS D 65 23.25 38.04 7.08
N GLY D 66 22.00 38.49 7.18
CA GLY D 66 21.53 39.41 8.22
C GLY D 66 21.42 40.87 7.76
N ARG D 67 22.45 41.38 7.06
CA ARG D 67 22.51 42.77 6.59
C ARG D 67 21.80 42.99 5.25
N PHE D 68 22.02 42.09 4.27
CA PHE D 68 21.46 42.23 2.93
C PHE D 68 20.16 41.46 2.76
N THR D 69 19.24 42.00 1.93
CA THR D 69 17.94 41.39 1.67
C THR D 69 17.65 41.33 0.17
N ILE D 70 17.37 40.10 -0.33
CA ILE D 70 17.01 39.87 -1.72
C ILE D 70 15.49 39.80 -1.82
N SER D 71 14.92 40.38 -2.88
CA SER D 71 13.48 40.40 -3.11
C SER D 71 13.18 40.57 -4.60
N ARG D 72 11.93 40.30 -5.02
CA ARG D 72 11.54 40.43 -6.42
C ARG D 72 10.07 40.79 -6.58
N ASP D 73 9.76 41.51 -7.67
CA ASP D 73 8.42 41.92 -8.04
C ASP D 73 8.18 41.39 -9.45
N ASN D 74 7.44 40.28 -9.55
CA ASN D 74 7.18 39.62 -10.84
C ASN D 74 6.24 40.41 -11.75
N SER D 75 5.41 41.30 -11.18
CA SER D 75 4.53 42.17 -11.97
C SER D 75 5.33 43.32 -12.60
N LYS D 76 6.46 43.71 -11.95
CA LYS D 76 7.35 44.79 -12.41
C LYS D 76 8.60 44.25 -13.14
N ASN D 77 8.76 42.90 -13.19
CA ASN D 77 9.89 42.20 -13.83
C ASN D 77 11.26 42.68 -13.31
N THR D 78 11.32 43.00 -12.00
CA THR D 78 12.53 43.53 -11.37
C THR D 78 12.97 42.76 -10.13
N LEU D 79 14.29 42.64 -9.95
CA LEU D 79 14.97 42.01 -8.82
C LEU D 79 15.57 43.12 -7.97
N TYR D 80 15.52 42.98 -6.65
CA TYR D 80 16.05 44.00 -5.74
C TYR D 80 17.10 43.44 -4.78
N PHE D 81 17.97 44.32 -4.26
CA PHE D 81 18.99 43.95 -3.27
C PHE D 81 19.18 45.10 -2.27
N GLU D 82 18.44 45.04 -1.14
CA GLU D 82 18.52 46.03 -0.07
C GLU D 82 19.77 45.73 0.75
N MET D 83 20.71 46.68 0.77
CA MET D 83 21.96 46.50 1.50
C MET D 83 22.03 47.48 2.67
N ASN D 84 22.03 46.97 3.90
CA ASN D 84 22.11 47.77 5.12
C ASN D 84 23.40 47.44 5.87
N SER D 85 23.84 48.33 6.80
CA SER D 85 25.05 48.17 7.62
C SER D 85 26.29 47.81 6.76
N LEU D 86 26.47 48.56 5.63
CA LEU D 86 27.56 48.33 4.68
C LEU D 86 28.94 48.55 5.27
N ARG D 87 29.84 47.59 5.05
CA ARG D 87 31.22 47.59 5.55
C ARG D 87 32.20 47.86 4.39
N PRO D 88 33.46 48.32 4.64
CA PRO D 88 34.38 48.53 3.50
C PRO D 88 34.68 47.26 2.69
N GLU D 89 34.41 46.08 3.30
CA GLU D 89 34.59 44.75 2.71
C GLU D 89 33.49 44.45 1.67
N ASP D 90 32.40 45.23 1.69
CA ASP D 90 31.27 45.11 0.77
C ASP D 90 31.50 45.85 -0.55
N THR D 91 32.61 46.64 -0.65
CA THR D 91 32.97 47.39 -1.87
C THR D 91 33.24 46.39 -2.98
N ALA D 92 32.38 46.40 -4.02
CA ALA D 92 32.46 45.47 -5.14
C ALA D 92 31.56 45.86 -6.31
N VAL D 93 31.78 45.23 -7.48
CA VAL D 93 30.89 45.30 -8.65
C VAL D 93 29.90 44.17 -8.40
N TYR D 94 28.59 44.49 -8.35
CA TYR D 94 27.52 43.54 -8.08
C TYR D 94 26.76 43.20 -9.37
N TYR D 95 26.65 41.89 -9.67
CA TYR D 95 26.01 41.39 -10.87
C TYR D 95 24.74 40.62 -10.52
N CYS D 96 23.65 40.85 -11.27
CA CYS D 96 22.46 40.01 -11.12
C CYS D 96 22.54 38.91 -12.17
N VAL D 97 22.31 37.67 -11.74
CA VAL D 97 22.40 36.51 -12.62
C VAL D 97 21.03 35.85 -12.58
N GLY D 98 20.53 35.48 -13.77
CA GLY D 98 19.27 34.79 -13.92
C GLY D 98 19.39 33.56 -14.79
N GLY D 99 18.66 32.51 -14.42
CA GLY D 99 18.63 31.26 -15.18
C GLY D 99 17.31 30.56 -15.04
N TYR D 100 16.79 30.00 -16.16
CA TYR D 100 15.53 29.25 -16.13
C TYR D 100 15.65 28.14 -15.11
N SER D 101 14.68 28.07 -14.22
CA SER D 101 14.69 27.11 -13.13
C SER D 101 13.31 26.49 -12.93
N ASN D 102 13.26 25.19 -12.65
CA ASN D 102 12.01 24.50 -12.35
C ASN D 102 12.11 23.80 -10.98
N PHE D 103 13.22 24.05 -10.27
CA PHE D 103 13.51 23.52 -8.94
C PHE D 103 14.33 24.52 -8.15
N TYR D 104 13.66 25.24 -7.23
CA TYR D 104 14.22 26.24 -6.32
C TYR D 104 15.25 27.19 -6.96
N TYR D 105 16.55 27.02 -6.61
CA TYR D 105 17.63 27.91 -7.10
C TYR D 105 18.48 27.28 -8.21
N TYR D 106 18.21 26.03 -8.60
CA TYR D 106 19.00 25.35 -9.63
C TYR D 106 18.79 25.90 -11.02
N TYR D 107 19.88 26.04 -11.79
CA TYR D 107 19.87 26.55 -13.16
C TYR D 107 21.10 26.02 -13.87
N THR D 108 21.04 25.80 -15.18
CA THR D 108 22.19 25.36 -15.98
C THR D 108 22.71 26.57 -16.74
N MET D 109 21.96 27.01 -17.77
CA MET D 109 22.31 28.20 -18.53
C MET D 109 21.87 29.46 -17.80
N ASP D 110 22.57 30.58 -18.02
CA ASP D 110 22.29 31.83 -17.35
C ASP D 110 22.41 33.09 -18.23
N VAL D 111 22.00 34.24 -17.69
CA VAL D 111 22.12 35.56 -18.29
C VAL D 111 22.62 36.47 -17.17
N TRP D 112 23.61 37.32 -17.47
CA TRP D 112 24.20 38.22 -16.50
C TRP D 112 23.85 39.68 -16.78
N GLY D 113 23.78 40.48 -15.72
CA GLY D 113 23.60 41.91 -15.82
C GLY D 113 24.94 42.55 -16.18
N GLN D 114 24.93 43.83 -16.59
CA GLN D 114 26.17 44.52 -16.96
C GLN D 114 27.10 44.79 -15.75
N GLY D 115 26.52 44.81 -14.55
CA GLY D 115 27.22 45.06 -13.30
C GLY D 115 27.07 46.49 -12.82
N THR D 116 26.89 46.68 -11.52
CA THR D 116 26.77 48.01 -10.92
C THR D 116 27.78 48.11 -9.74
N THR D 117 28.49 49.25 -9.63
CA THR D 117 29.52 49.42 -8.61
C THR D 117 28.98 50.06 -7.33
N VAL D 118 29.29 49.42 -6.19
CA VAL D 118 28.94 49.85 -4.84
C VAL D 118 30.26 50.17 -4.12
N THR D 119 30.41 51.39 -3.58
CA THR D 119 31.63 51.80 -2.90
C THR D 119 31.37 52.23 -1.46
N VAL D 120 32.14 51.67 -0.52
CA VAL D 120 32.09 51.97 0.92
C VAL D 120 33.47 52.50 1.34
N SER D 121 33.52 53.72 1.90
CA SER D 121 34.78 54.35 2.29
C SER D 121 34.95 54.56 3.80
N SER D 122 35.84 53.76 4.43
CA SER D 122 36.16 53.87 5.86
C SER D 122 37.14 55.00 6.14
N GLU E 2 -16.82 -31.94 -12.67
CA GLU E 2 -16.95 -33.25 -12.04
C GLU E 2 -15.79 -34.21 -12.43
N ILE E 3 -14.85 -34.46 -11.48
CA ILE E 3 -13.67 -35.30 -11.72
C ILE E 3 -14.03 -36.77 -11.65
N VAL E 4 -13.67 -37.52 -12.72
CA VAL E 4 -13.94 -38.94 -12.87
C VAL E 4 -12.61 -39.73 -12.84
N LEU E 5 -12.54 -40.76 -12.00
CA LEU E 5 -11.37 -41.64 -11.92
C LEU E 5 -11.71 -42.96 -12.59
N THR E 6 -10.85 -43.39 -13.53
CA THR E 6 -11.08 -44.64 -14.25
C THR E 6 -9.99 -45.64 -13.92
N GLN E 7 -10.36 -46.69 -13.18
CA GLN E 7 -9.45 -47.75 -12.78
C GLN E 7 -9.38 -48.85 -13.81
N SER E 8 -8.20 -49.50 -13.90
CA SER E 8 -7.97 -50.60 -14.82
C SER E 8 -6.86 -51.53 -14.29
N PRO E 9 -7.00 -52.86 -14.48
CA PRO E 9 -8.14 -53.56 -15.12
C PRO E 9 -9.30 -53.74 -14.13
N ALA E 10 -10.39 -54.40 -14.56
CA ALA E 10 -11.54 -54.68 -13.69
C ALA E 10 -11.14 -55.78 -12.69
N THR E 11 -10.49 -56.84 -13.18
CA THR E 11 -10.00 -57.97 -12.39
C THR E 11 -8.57 -58.32 -12.80
N LEU E 12 -7.72 -58.56 -11.80
CA LEU E 12 -6.32 -58.91 -11.93
C LEU E 12 -6.14 -60.24 -11.22
N SER E 13 -6.02 -61.36 -11.99
CA SER E 13 -5.87 -62.71 -11.44
C SER E 13 -4.38 -63.09 -11.39
N LEU E 14 -3.81 -63.12 -10.17
CA LEU E 14 -2.39 -63.39 -9.99
C LEU E 14 -2.09 -64.43 -8.91
N SER E 15 -0.86 -64.96 -8.93
CA SER E 15 -0.38 -65.91 -7.95
C SER E 15 0.44 -65.16 -6.89
N PRO E 16 0.60 -65.70 -5.65
CA PRO E 16 1.43 -64.99 -4.66
C PRO E 16 2.90 -64.96 -5.13
N GLY E 17 3.57 -63.86 -4.87
CA GLY E 17 4.94 -63.65 -5.29
C GLY E 17 5.04 -62.79 -6.53
N GLU E 18 3.95 -62.73 -7.32
CA GLU E 18 3.88 -61.96 -8.56
C GLU E 18 3.67 -60.48 -8.30
N ARG E 19 3.97 -59.65 -9.30
CA ARG E 19 3.83 -58.20 -9.24
C ARG E 19 2.43 -57.78 -9.71
N ALA E 20 1.76 -56.95 -8.91
CA ALA E 20 0.43 -56.43 -9.25
C ALA E 20 0.58 -54.95 -9.60
N THR E 21 0.21 -54.57 -10.82
CA THR E 21 0.25 -53.19 -11.28
C THR E 21 -1.18 -52.75 -11.58
N LEU E 22 -1.69 -51.84 -10.76
CA LEU E 22 -3.05 -51.30 -10.86
C LEU E 22 -2.98 -49.86 -11.36
N SER E 23 -3.87 -49.51 -12.28
CA SER E 23 -3.91 -48.17 -12.87
C SER E 23 -5.17 -47.39 -12.50
N CYS E 24 -5.07 -46.06 -12.54
CA CYS E 24 -6.16 -45.13 -12.24
C CYS E 24 -5.89 -43.86 -13.07
N ARG E 25 -6.81 -43.53 -14.01
CA ARG E 25 -6.67 -42.32 -14.82
C ARG E 25 -7.68 -41.27 -14.39
N ALA E 26 -7.20 -40.05 -14.08
CA ALA E 26 -8.09 -38.94 -13.72
C ALA E 26 -8.58 -38.27 -15.01
N SER E 27 -9.86 -37.81 -15.03
CA SER E 27 -10.48 -37.16 -16.19
C SER E 27 -9.85 -35.78 -16.51
N GLN E 28 -9.15 -35.20 -15.53
CA GLN E 28 -8.45 -33.91 -15.62
C GLN E 28 -7.26 -33.89 -14.65
N SER E 29 -6.37 -32.90 -14.78
CA SER E 29 -5.20 -32.78 -13.89
C SER E 29 -5.63 -32.54 -12.45
N ILE E 30 -5.14 -33.39 -11.53
CA ILE E 30 -5.44 -33.31 -10.10
C ILE E 30 -4.14 -33.26 -9.28
N SER E 31 -3.03 -32.82 -9.92
CA SER E 31 -1.68 -32.75 -9.35
C SER E 31 -1.34 -34.14 -8.73
N THR E 32 -1.02 -34.18 -7.42
CA THR E 32 -0.71 -35.44 -6.72
C THR E 32 -1.78 -35.80 -5.70
N PHE E 33 -2.94 -35.13 -5.71
CA PHE E 33 -4.02 -35.37 -4.72
C PHE E 33 -4.86 -36.63 -5.05
N LEU E 34 -4.21 -37.79 -4.88
CA LEU E 34 -4.76 -39.11 -5.17
C LEU E 34 -4.28 -40.06 -4.07
N ALA E 35 -5.24 -40.84 -3.53
CA ALA E 35 -5.04 -41.81 -2.48
C ALA E 35 -5.45 -43.20 -2.95
N TRP E 36 -4.85 -44.24 -2.37
CA TRP E 36 -5.14 -45.64 -2.70
C TRP E 36 -5.64 -46.36 -1.45
N TYR E 37 -6.69 -47.16 -1.62
CA TYR E 37 -7.32 -47.92 -0.54
C TYR E 37 -7.35 -49.41 -0.81
N GLN E 38 -7.26 -50.21 0.25
CA GLN E 38 -7.38 -51.66 0.22
C GLN E 38 -8.69 -51.97 0.91
N HIS E 39 -9.53 -52.76 0.27
CA HIS E 39 -10.81 -53.14 0.86
C HIS E 39 -11.02 -54.63 0.82
N LYS E 40 -11.03 -55.25 2.01
CA LYS E 40 -11.25 -56.69 2.20
C LYS E 40 -12.67 -56.92 2.67
N PRO E 41 -13.31 -58.10 2.38
CA PRO E 41 -14.68 -58.32 2.86
C PRO E 41 -14.81 -58.35 4.37
N GLY E 42 -15.92 -57.78 4.88
CA GLY E 42 -16.21 -57.72 6.31
C GLY E 42 -15.37 -56.72 7.08
N GLN E 43 -14.61 -55.89 6.37
CA GLN E 43 -13.73 -54.89 6.93
C GLN E 43 -13.97 -53.58 6.21
N ALA E 44 -13.62 -52.47 6.87
CA ALA E 44 -13.72 -51.15 6.27
C ALA E 44 -12.51 -50.93 5.35
N PRO E 45 -12.59 -50.03 4.34
CA PRO E 45 -11.40 -49.74 3.54
C PRO E 45 -10.25 -49.19 4.38
N ARG E 46 -9.01 -49.57 4.04
CA ARG E 46 -7.78 -49.18 4.71
C ARG E 46 -6.92 -48.35 3.74
N LEU E 47 -6.51 -47.15 4.18
CA LEU E 47 -5.69 -46.26 3.37
C LEU E 47 -4.28 -46.81 3.24
N LEU E 48 -3.79 -46.96 1.99
CA LEU E 48 -2.45 -47.45 1.72
C LEU E 48 -1.49 -46.31 1.38
N ILE E 49 -1.91 -45.42 0.46
CA ILE E 49 -1.07 -44.34 -0.06
C ILE E 49 -1.86 -43.04 -0.21
N TYR E 50 -1.26 -41.91 0.14
CA TYR E 50 -1.85 -40.58 -0.05
C TYR E 50 -0.78 -39.69 -0.70
N ASP E 51 -1.20 -38.56 -1.29
CA ASP E 51 -0.32 -37.64 -2.01
C ASP E 51 0.42 -38.38 -3.15
N ALA E 52 -0.30 -39.38 -3.75
CA ALA E 52 0.07 -40.24 -4.87
C ALA E 52 1.19 -41.26 -4.57
N SER E 53 2.15 -40.93 -3.68
CA SER E 53 3.27 -41.83 -3.39
C SER E 53 3.67 -41.94 -1.90
N THR E 54 2.94 -41.29 -0.98
CA THR E 54 3.27 -41.39 0.45
C THR E 54 2.57 -42.58 1.08
N ARG E 55 3.34 -43.53 1.63
CA ARG E 55 2.77 -44.69 2.33
C ARG E 55 2.20 -44.24 3.67
N ALA E 56 1.00 -44.71 4.00
CA ALA E 56 0.34 -44.40 5.26
C ALA E 56 1.00 -45.22 6.40
N THR E 57 0.65 -44.90 7.67
CA THR E 57 1.20 -45.56 8.86
C THR E 57 0.96 -47.07 8.83
N GLY E 58 2.04 -47.83 9.00
CA GLY E 58 2.03 -49.29 9.02
C GLY E 58 1.86 -49.98 7.68
N VAL E 59 1.83 -49.22 6.56
CA VAL E 59 1.68 -49.82 5.24
C VAL E 59 3.04 -50.40 4.80
N PRO E 60 3.12 -51.72 4.51
CA PRO E 60 4.44 -52.32 4.16
C PRO E 60 5.06 -51.79 2.85
N ALA E 61 6.41 -51.90 2.77
CA ALA E 61 7.26 -51.40 1.66
C ALA E 61 6.89 -51.91 0.26
N ARG E 62 6.30 -53.12 0.16
CA ARG E 62 5.89 -53.73 -1.12
C ARG E 62 4.81 -52.92 -1.86
N PHE E 63 4.12 -51.99 -1.15
CA PHE E 63 3.10 -51.09 -1.71
C PHE E 63 3.76 -49.77 -2.10
N SER E 64 3.65 -49.39 -3.37
CA SER E 64 4.20 -48.12 -3.83
C SER E 64 3.28 -47.44 -4.84
N GLY E 65 3.20 -46.13 -4.73
CA GLY E 65 2.40 -45.32 -5.62
C GLY E 65 3.27 -44.51 -6.56
N SER E 66 2.83 -44.36 -7.80
CA SER E 66 3.56 -43.56 -8.79
C SER E 66 2.60 -42.80 -9.70
N ARG E 67 3.12 -41.82 -10.44
CA ARG E 67 2.29 -40.96 -11.25
C ARG E 67 2.99 -40.43 -12.47
N SER E 68 2.25 -40.33 -13.59
CA SER E 68 2.69 -39.74 -14.84
C SER E 68 1.50 -38.93 -15.38
N GLY E 69 1.53 -37.62 -15.14
CA GLY E 69 0.46 -36.70 -15.52
C GLY E 69 -0.83 -37.02 -14.79
N THR E 70 -1.87 -37.42 -15.55
CA THR E 70 -3.18 -37.80 -15.00
C THR E 70 -3.28 -39.33 -14.79
N ASP E 71 -2.20 -40.08 -15.06
CA ASP E 71 -2.17 -41.54 -14.91
C ASP E 71 -1.46 -41.92 -13.61
N PHE E 72 -2.16 -42.64 -12.74
CA PHE E 72 -1.67 -43.07 -11.44
C PHE E 72 -1.53 -44.59 -11.39
N THR E 73 -0.49 -45.05 -10.69
CA THR E 73 -0.19 -46.48 -10.58
C THR E 73 0.07 -46.89 -9.14
N LEU E 74 -0.51 -48.03 -8.74
CA LEU E 74 -0.24 -48.68 -7.47
C LEU E 74 0.47 -50.00 -7.80
N THR E 75 1.67 -50.20 -7.27
CA THR E 75 2.40 -51.43 -7.48
C THR E 75 2.55 -52.18 -6.17
N ILE E 76 2.25 -53.49 -6.21
CA ILE E 76 2.46 -54.42 -5.11
C ILE E 76 3.51 -55.34 -5.69
N SER E 77 4.79 -55.02 -5.42
CA SER E 77 6.00 -55.66 -5.96
C SER E 77 6.00 -57.18 -5.90
N THR E 78 5.59 -57.74 -4.76
CA THR E 78 5.52 -59.18 -4.51
C THR E 78 4.27 -59.41 -3.70
N LEU E 79 3.23 -60.02 -4.31
CA LEU E 79 1.96 -60.30 -3.64
C LEU E 79 2.11 -61.27 -2.50
N GLU E 80 1.59 -60.89 -1.33
CA GLU E 80 1.55 -61.75 -0.16
C GLU E 80 0.10 -62.28 -0.05
N PRO E 81 -0.16 -63.43 0.65
CA PRO E 81 -1.55 -63.94 0.74
C PRO E 81 -2.60 -62.94 1.24
N GLU E 82 -2.19 -62.03 2.14
CA GLU E 82 -3.05 -60.98 2.72
C GLU E 82 -3.33 -59.81 1.75
N ASP E 83 -2.70 -59.80 0.57
CA ASP E 83 -2.87 -58.69 -0.38
C ASP E 83 -4.03 -58.89 -1.38
N PHE E 84 -4.63 -60.07 -1.42
CA PHE E 84 -5.77 -60.31 -2.32
C PHE E 84 -7.02 -59.63 -1.75
N ALA E 85 -7.42 -58.52 -2.40
CA ALA E 85 -8.55 -57.67 -2.00
C ALA E 85 -9.00 -56.78 -3.16
N VAL E 86 -9.97 -55.87 -2.92
CA VAL E 86 -10.42 -54.89 -3.91
C VAL E 86 -9.67 -53.58 -3.62
N TYR E 87 -9.12 -52.94 -4.65
CA TYR E 87 -8.36 -51.70 -4.51
C TYR E 87 -9.06 -50.54 -5.19
N TYR E 88 -9.17 -49.39 -4.47
CA TYR E 88 -9.80 -48.18 -4.97
C TYR E 88 -8.84 -47.00 -4.96
N CYS E 89 -8.99 -46.10 -5.93
CA CYS E 89 -8.26 -44.84 -5.92
C CYS E 89 -9.27 -43.75 -5.52
N GLN E 90 -8.82 -42.73 -4.79
CA GLN E 90 -9.67 -41.62 -4.38
C GLN E 90 -8.97 -40.31 -4.62
N GLN E 91 -9.65 -39.43 -5.33
CA GLN E 91 -9.19 -38.11 -5.70
C GLN E 91 -9.53 -37.14 -4.52
N ARG E 92 -8.58 -36.29 -4.13
CA ARG E 92 -8.77 -35.34 -3.02
C ARG E 92 -8.39 -33.93 -3.50
N TYR E 93 -8.52 -33.70 -4.81
CA TYR E 93 -8.20 -32.43 -5.40
C TYR E 93 -9.24 -31.35 -5.09
N ASN E 94 -8.73 -30.22 -4.58
CA ASN E 94 -9.46 -28.99 -4.26
C ASN E 94 -10.59 -29.15 -3.20
N TRP E 95 -11.84 -29.38 -3.67
CA TRP E 95 -13.06 -29.40 -2.90
C TRP E 95 -13.86 -30.70 -3.16
N PRO E 96 -14.67 -31.24 -2.22
CA PRO E 96 -15.56 -32.40 -2.40
C PRO E 96 -16.53 -32.17 -3.58
N PRO E 97 -17.04 -33.22 -4.27
CA PRO E 97 -16.89 -34.65 -3.98
C PRO E 97 -15.49 -35.20 -4.20
N TYR E 98 -14.97 -35.91 -3.19
CA TYR E 98 -13.68 -36.58 -3.24
C TYR E 98 -13.97 -38.00 -3.73
N THR E 99 -14.22 -38.11 -5.04
CA THR E 99 -14.69 -39.29 -5.74
C THR E 99 -13.70 -40.45 -5.77
N PHE E 100 -14.26 -41.66 -5.87
CA PHE E 100 -13.54 -42.93 -5.94
C PHE E 100 -13.57 -43.48 -7.36
N GLY E 101 -12.64 -44.39 -7.64
CA GLY E 101 -12.61 -45.16 -8.87
C GLY E 101 -13.55 -46.33 -8.66
N GLN E 102 -13.85 -47.05 -9.74
CA GLN E 102 -14.80 -48.19 -9.68
C GLN E 102 -14.25 -49.43 -8.95
N GLY E 103 -12.92 -49.49 -8.75
CA GLY E 103 -12.25 -50.59 -8.08
C GLY E 103 -11.63 -51.64 -9.00
N THR E 104 -10.55 -52.28 -8.52
CA THR E 104 -9.85 -53.37 -9.19
C THR E 104 -9.79 -54.51 -8.21
N LYS E 105 -10.28 -55.69 -8.61
CA LYS E 105 -10.26 -56.88 -7.77
C LYS E 105 -8.95 -57.64 -8.04
N VAL E 106 -8.13 -57.81 -6.99
CA VAL E 106 -6.88 -58.57 -7.12
C VAL E 106 -7.22 -59.95 -6.56
N GLU E 107 -7.38 -60.93 -7.46
CA GLU E 107 -7.83 -62.28 -7.11
C GLU E 107 -6.76 -63.34 -7.28
N ILE E 108 -6.89 -64.45 -6.55
CA ILE E 108 -5.97 -65.58 -6.66
C ILE E 108 -6.22 -66.27 -8.02
N LYS E 109 -5.14 -66.55 -8.75
CA LYS E 109 -5.18 -67.20 -10.06
C LYS E 109 -5.48 -68.69 -9.89
N ALA E 110 -6.41 -69.22 -10.68
CA ALA E 110 -6.75 -70.64 -10.65
C ALA E 110 -5.65 -71.45 -11.32
N ALA E 111 -5.55 -72.75 -10.99
CA ALA E 111 -4.58 -73.66 -11.58
C ALA E 111 -4.99 -74.00 -13.03
N ALA E 112 -4.02 -74.40 -13.88
CA ALA E 112 -4.25 -74.75 -15.28
C ALA E 112 -5.08 -76.03 -15.48
N SER F 1 31.26 21.24 5.43
CA SER F 1 30.06 21.22 4.60
C SER F 1 30.26 21.94 3.27
N GLU F 2 30.92 23.13 3.30
CA GLU F 2 31.17 24.00 2.13
C GLU F 2 32.06 23.32 1.10
N ILE F 3 31.61 23.33 -0.18
CA ILE F 3 32.40 22.82 -1.30
C ILE F 3 33.36 23.92 -1.76
N VAL F 4 34.65 23.56 -1.86
CA VAL F 4 35.73 24.46 -2.25
C VAL F 4 36.29 24.03 -3.62
N LEU F 5 36.39 24.98 -4.56
CA LEU F 5 36.97 24.73 -5.87
C LEU F 5 38.35 25.35 -5.92
N THR F 6 39.36 24.56 -6.31
CA THR F 6 40.74 25.03 -6.38
C THR F 6 41.22 25.04 -7.83
N GLN F 7 41.40 26.24 -8.37
CA GLN F 7 41.85 26.42 -9.74
C GLN F 7 43.36 26.48 -9.82
N SER F 8 43.91 26.00 -10.95
CA SER F 8 45.34 26.00 -11.20
C SER F 8 45.65 26.03 -12.69
N PRO F 9 46.69 26.77 -13.11
CA PRO F 9 47.59 27.60 -12.28
C PRO F 9 46.97 28.98 -11.96
N ALA F 10 47.69 29.84 -11.25
CA ALA F 10 47.21 31.19 -10.94
C ALA F 10 47.26 32.04 -12.22
N THR F 11 48.39 31.96 -12.96
CA THR F 11 48.60 32.67 -14.22
C THR F 11 49.18 31.71 -15.26
N LEU F 12 48.65 31.78 -16.48
CA LEU F 12 49.04 30.97 -17.62
C LEU F 12 49.46 31.95 -18.72
N SER F 13 50.79 32.11 -18.95
CA SER F 13 51.34 33.03 -19.95
C SER F 13 51.61 32.29 -21.26
N LEU F 14 50.77 32.54 -22.28
CA LEU F 14 50.88 31.84 -23.56
C LEU F 14 50.82 32.75 -24.77
N SER F 15 51.24 32.23 -25.92
CA SER F 15 51.21 32.94 -27.20
C SER F 15 49.95 32.51 -27.97
N PRO F 16 49.42 33.32 -28.94
CA PRO F 16 48.25 32.87 -29.70
C PRO F 16 48.61 31.65 -30.55
N GLY F 17 47.69 30.72 -30.67
CA GLY F 17 47.88 29.49 -31.41
C GLY F 17 48.20 28.33 -30.49
N GLU F 18 48.69 28.62 -29.27
CA GLU F 18 49.06 27.61 -28.28
C GLU F 18 47.84 27.05 -27.55
N ARG F 19 48.01 25.89 -26.92
CA ARG F 19 46.96 25.23 -26.16
C ARG F 19 46.96 25.69 -24.71
N ALA F 20 45.79 26.06 -24.20
CA ALA F 20 45.61 26.47 -22.80
C ALA F 20 44.85 25.38 -22.06
N THR F 21 45.47 24.79 -21.04
CA THR F 21 44.85 23.77 -20.20
C THR F 21 44.71 24.32 -18.80
N LEU F 22 43.47 24.56 -18.38
CA LEU F 22 43.12 25.12 -17.07
C LEU F 22 42.49 24.02 -16.22
N SER F 23 42.89 23.95 -14.95
CA SER F 23 42.39 22.94 -14.02
C SER F 23 41.54 23.53 -12.90
N CYS F 24 40.65 22.70 -12.34
CA CYS F 24 39.76 23.05 -11.23
C CYS F 24 39.49 21.76 -10.45
N ARG F 25 39.91 21.71 -9.17
CA ARG F 25 39.68 20.54 -8.33
C ARG F 25 38.62 20.84 -7.30
N ALA F 26 37.58 20.00 -7.22
CA ALA F 26 36.53 20.14 -6.23
C ALA F 26 36.98 19.45 -4.92
N SER F 27 36.64 20.04 -3.76
CA SER F 27 37.00 19.50 -2.44
C SER F 27 36.31 18.17 -2.11
N GLN F 28 35.22 17.87 -2.84
CA GLN F 28 34.43 16.64 -2.71
C GLN F 28 33.74 16.33 -4.05
N SER F 29 33.19 15.11 -4.20
CA SER F 29 32.48 14.71 -5.42
C SER F 29 31.25 15.60 -5.67
N ILE F 30 31.19 16.20 -6.86
CA ILE F 30 30.09 17.09 -7.29
C ILE F 30 29.51 16.60 -8.63
N SER F 31 29.70 15.29 -8.94
CA SER F 31 29.27 14.66 -10.20
C SER F 31 29.81 15.50 -11.39
N THR F 32 28.91 15.99 -12.26
CA THR F 32 29.27 16.82 -13.41
C THR F 32 28.75 18.25 -13.28
N PHE F 33 28.26 18.64 -12.09
CA PHE F 33 27.67 19.98 -11.87
C PHE F 33 28.75 21.07 -11.66
N LEU F 34 29.45 21.39 -12.76
CA LEU F 34 30.55 22.34 -12.83
C LEU F 34 30.48 23.10 -14.15
N ALA F 35 30.53 24.42 -14.05
CA ALA F 35 30.46 25.35 -15.17
C ALA F 35 31.74 26.15 -15.29
N TRP F 36 32.05 26.62 -16.50
CA TRP F 36 33.24 27.42 -16.77
C TRP F 36 32.82 28.77 -17.32
N TYR F 37 33.46 29.84 -16.82
CA TYR F 37 33.18 31.22 -17.23
C TYR F 37 34.40 31.92 -17.77
N GLN F 38 34.19 32.83 -18.71
CA GLN F 38 35.22 33.71 -19.27
C GLN F 38 34.88 35.09 -18.77
N HIS F 39 35.87 35.79 -18.21
CA HIS F 39 35.64 37.13 -17.71
C HIS F 39 36.69 38.08 -18.21
N LYS F 40 36.25 39.04 -19.05
CA LYS F 40 37.11 40.09 -19.64
C LYS F 40 36.86 41.40 -18.91
N PRO F 41 37.84 42.32 -18.81
CA PRO F 41 37.58 43.59 -18.11
C PRO F 41 36.51 44.45 -18.78
N GLY F 42 35.71 45.13 -17.96
CA GLY F 42 34.63 45.99 -18.42
C GLY F 42 33.41 45.26 -18.97
N GLN F 43 33.40 43.94 -18.79
CA GLN F 43 32.33 43.06 -19.26
C GLN F 43 31.93 42.13 -18.14
N ALA F 44 30.72 41.60 -18.21
CA ALA F 44 30.23 40.64 -17.23
C ALA F 44 30.80 39.26 -17.58
N PRO F 45 30.90 38.32 -16.61
CA PRO F 45 31.34 36.96 -16.97
C PRO F 45 30.39 36.30 -17.99
N ARG F 46 30.95 35.53 -18.92
CA ARG F 46 30.23 34.83 -19.99
C ARG F 46 30.40 33.31 -19.78
N LEU F 47 29.27 32.60 -19.72
CA LEU F 47 29.27 31.14 -19.55
C LEU F 47 29.79 30.45 -20.79
N LEU F 48 30.81 29.60 -20.64
CA LEU F 48 31.40 28.84 -21.74
C LEU F 48 30.88 27.41 -21.76
N ILE F 49 30.92 26.72 -20.60
CA ILE F 49 30.58 25.31 -20.47
C ILE F 49 29.77 25.04 -19.20
N TYR F 50 28.76 24.19 -19.29
CA TYR F 50 27.95 23.75 -18.15
C TYR F 50 27.84 22.23 -18.21
N ASP F 51 27.48 21.59 -17.10
CA ASP F 51 27.38 20.12 -16.98
C ASP F 51 28.75 19.47 -17.34
N ALA F 52 29.85 20.20 -16.98
CA ALA F 52 31.27 19.88 -17.12
C ALA F 52 31.79 19.85 -18.57
N SER F 53 30.96 19.47 -19.55
CA SER F 53 31.40 19.36 -20.95
C SER F 53 30.42 19.90 -22.01
N THR F 54 29.27 20.49 -21.60
CA THR F 54 28.33 21.03 -22.57
C THR F 54 28.67 22.48 -22.90
N ARG F 55 28.96 22.76 -24.19
CA ARG F 55 29.24 24.12 -24.63
C ARG F 55 27.93 24.92 -24.64
N ALA F 56 27.97 26.16 -24.12
CA ALA F 56 26.82 27.05 -24.10
C ALA F 56 26.58 27.61 -25.53
N THR F 57 25.44 28.25 -25.77
CA THR F 57 25.05 28.80 -27.08
C THR F 57 26.08 29.82 -27.58
N GLY F 58 26.56 29.59 -28.80
CA GLY F 58 27.54 30.46 -29.46
C GLY F 58 28.98 30.33 -28.98
N VAL F 59 29.26 29.37 -28.08
CA VAL F 59 30.63 29.16 -27.60
C VAL F 59 31.39 28.36 -28.67
N PRO F 60 32.52 28.89 -29.21
CA PRO F 60 33.24 28.18 -30.30
C PRO F 60 33.84 26.82 -29.89
N ALA F 61 34.02 25.94 -30.91
CA ALA F 61 34.51 24.55 -30.77
C ALA F 61 35.86 24.40 -30.07
N ARG F 62 36.74 25.41 -30.16
CA ARG F 62 38.06 25.38 -29.52
C ARG F 62 38.01 25.28 -27.97
N PHE F 63 36.83 25.57 -27.36
CA PHE F 63 36.58 25.46 -25.93
C PHE F 63 35.98 24.10 -25.62
N SER F 64 36.63 23.32 -24.76
CA SER F 64 36.12 22.02 -24.37
C SER F 64 36.33 21.75 -22.88
N GLY F 65 35.34 21.15 -22.27
CA GLY F 65 35.39 20.78 -20.87
C GLY F 65 35.54 19.29 -20.69
N SER F 66 36.32 18.86 -19.70
CA SER F 66 36.51 17.45 -19.39
C SER F 66 36.61 17.21 -17.90
N ARG F 67 36.46 15.95 -17.48
CA ARG F 67 36.43 15.62 -16.07
C ARG F 67 36.99 14.23 -15.78
N SER F 68 37.71 14.11 -14.65
CA SER F 68 38.23 12.87 -14.10
C SER F 68 38.02 12.93 -12.59
N GLY F 69 36.95 12.30 -12.11
CA GLY F 69 36.56 12.32 -10.71
C GLY F 69 36.21 13.72 -10.23
N THR F 70 37.00 14.25 -9.28
CA THR F 70 36.83 15.61 -8.75
C THR F 70 37.72 16.64 -9.47
N ASP F 71 38.46 16.20 -10.52
CA ASP F 71 39.35 17.07 -11.29
C ASP F 71 38.70 17.45 -12.61
N PHE F 72 38.55 18.75 -12.82
CA PHE F 72 37.91 19.32 -14.01
C PHE F 72 38.92 20.09 -14.85
N THR F 73 38.78 20.02 -16.17
CA THR F 73 39.69 20.67 -17.11
C THR F 73 38.94 21.45 -18.18
N LEU F 74 39.42 22.67 -18.47
CA LEU F 74 38.96 23.49 -19.57
C LEU F 74 40.13 23.59 -20.55
N THR F 75 39.92 23.17 -21.80
CA THR F 75 40.97 23.26 -22.81
C THR F 75 40.54 24.24 -23.89
N ILE F 76 41.45 25.14 -24.25
CA ILE F 76 41.31 26.07 -25.37
C ILE F 76 42.41 25.59 -26.31
N SER F 77 42.03 24.69 -27.24
CA SER F 77 42.91 23.99 -28.17
C SER F 77 43.91 24.86 -28.91
N THR F 78 43.46 26.03 -29.42
CA THR F 78 44.27 26.99 -30.14
C THR F 78 43.79 28.36 -29.70
N LEU F 79 44.63 29.07 -28.91
CA LEU F 79 44.28 30.41 -28.40
C LEU F 79 44.13 31.43 -29.50
N GLU F 80 43.00 32.13 -29.51
CA GLU F 80 42.76 33.23 -30.42
C GLU F 80 42.99 34.54 -29.64
N PRO F 81 43.27 35.70 -30.31
CA PRO F 81 43.51 36.95 -29.55
C PRO F 81 42.42 37.33 -28.54
N GLU F 82 41.15 37.00 -28.85
CA GLU F 82 39.98 37.28 -28.00
C GLU F 82 39.86 36.34 -26.79
N ASP F 83 40.73 35.32 -26.69
CA ASP F 83 40.65 34.34 -25.60
C ASP F 83 41.48 34.71 -24.36
N PHE F 84 42.29 35.77 -24.43
CA PHE F 84 43.07 36.19 -23.27
C PHE F 84 42.16 36.94 -22.29
N ALA F 85 41.84 36.27 -21.17
CA ALA F 85 40.93 36.74 -20.12
C ALA F 85 41.14 35.95 -18.82
N VAL F 86 40.30 36.22 -17.80
CA VAL F 86 40.32 35.47 -16.53
C VAL F 86 39.23 34.40 -16.63
N TYR F 87 39.57 33.17 -16.24
CA TYR F 87 38.63 32.04 -16.31
C TYR F 87 38.30 31.51 -14.92
N TYR F 88 36.99 31.30 -14.66
CA TYR F 88 36.49 30.79 -13.39
C TYR F 88 35.71 29.51 -13.56
N CYS F 89 35.79 28.62 -12.57
CA CYS F 89 34.93 27.45 -12.54
C CYS F 89 33.86 27.71 -11.46
N GLN F 90 32.64 27.22 -11.68
CA GLN F 90 31.55 27.38 -10.73
C GLN F 90 30.85 26.05 -10.51
N GLN F 91 30.73 25.67 -9.25
CA GLN F 91 30.09 24.45 -8.80
C GLN F 91 28.57 24.71 -8.66
N ARG F 92 27.73 23.81 -9.18
CA ARG F 92 26.27 23.96 -9.11
C ARG F 92 25.65 22.70 -8.51
N TYR F 93 26.43 22.00 -7.69
CA TYR F 93 26.01 20.78 -7.05
C TYR F 93 25.00 21.03 -5.94
N ASN F 94 23.85 20.31 -6.01
CA ASN F 94 22.78 20.30 -5.04
C ASN F 94 22.12 21.69 -4.81
N TRP F 95 22.54 22.38 -3.74
CA TRP F 95 21.95 23.61 -3.20
C TRP F 95 23.00 24.71 -3.10
N PRO F 96 22.66 26.04 -3.19
CA PRO F 96 23.57 27.18 -2.98
C PRO F 96 24.23 27.10 -1.59
N PRO F 97 25.44 27.69 -1.37
CA PRO F 97 26.22 28.53 -2.30
C PRO F 97 26.80 27.77 -3.49
N TYR F 98 26.60 28.32 -4.68
CA TYR F 98 27.13 27.81 -5.93
C TYR F 98 28.45 28.55 -6.13
N THR F 99 29.45 28.12 -5.35
CA THR F 99 30.76 28.77 -5.23
C THR F 99 31.58 28.75 -6.50
N PHE F 100 32.52 29.70 -6.59
CA PHE F 100 33.47 29.87 -7.68
C PHE F 100 34.88 29.50 -7.25
N GLY F 101 35.72 29.24 -8.24
CA GLY F 101 37.15 29.03 -8.05
C GLY F 101 37.78 30.41 -7.98
N GLN F 102 39.04 30.49 -7.56
CA GLN F 102 39.75 31.76 -7.41
C GLN F 102 40.09 32.46 -8.75
N GLY F 103 40.03 31.71 -9.86
CA GLY F 103 40.32 32.22 -11.19
C GLY F 103 41.72 31.93 -11.71
N THR F 104 41.85 31.79 -13.04
CA THR F 104 43.12 31.61 -13.74
C THR F 104 43.20 32.70 -14.78
N LYS F 105 44.28 33.48 -14.76
CA LYS F 105 44.50 34.55 -15.73
C LYS F 105 45.26 33.97 -16.92
N VAL F 106 44.66 34.03 -18.12
CA VAL F 106 45.31 33.57 -19.34
C VAL F 106 45.84 34.84 -19.99
N GLU F 107 47.17 35.04 -19.90
CA GLU F 107 47.83 36.26 -20.34
C GLU F 107 48.72 36.05 -21.54
N ILE F 108 48.94 37.13 -22.31
CA ILE F 108 49.84 37.08 -23.45
C ILE F 108 51.28 36.97 -22.95
N LYS F 109 52.04 36.05 -23.54
CA LYS F 109 53.45 35.81 -23.19
C LYS F 109 54.29 36.94 -23.77
N ALA F 110 55.22 37.47 -22.96
CA ALA F 110 56.12 38.53 -23.39
C ALA F 110 57.19 37.97 -24.33
N ALA F 111 57.76 38.86 -25.16
CA ALA F 111 58.81 38.53 -26.12
C ALA F 111 60.13 38.28 -25.38
N ALA F 112 61.04 37.47 -25.99
CA ALA F 112 62.36 37.15 -25.43
#